data_5E2G
#
_entry.id   5E2G
#
_cell.length_a   85.965
_cell.length_b   85.965
_cell.length_c   90.399
_cell.angle_alpha   90.00
_cell.angle_beta   90.00
_cell.angle_gamma   120.00
#
_symmetry.space_group_name_H-M   'P 32'
#
loop_
_entity.id
_entity.type
_entity.pdbx_description
1 polymer Beta-lactamase
2 non-polymer 'THIOCYANATE ION'
3 non-polymer 'ACETIC ACID'
4 water water
#
_entity_poly.entity_id   1
_entity_poly.type   'polypeptide(L)'
_entity_poly.pdbx_seq_one_letter_code
;SNADDLRDTVTRQIAPL(MSE)KQYAIPG(MSE)AIGIVADGKPYVFDYGV(MSE)SKQTGKPVTGDTLFEIGSVSKTLT
ATLASDAQEGGELSLADPAGKYLPELQGKPFGVVTLLQLGTHTPGGTPLQVPDSIRDDAGLIRYLDAWRPAYAPGTHRKY
SNVAIG(MSE)LGWLTAKA(MSE)HQDFATL(MSE)EQRLFPAIG(MSE)THTYINVPAAR(MSE)ADYAQGYTKDGKPV
R(MSE)TEG(MSE)LWQPAYGVRTTAADLLRFVQAN(MSE)G(MSE)IHTAPRLQRAIERTHTGYFRAGPLTQDLIWEQY
PYPVALPTLLAGNAPK(MSE)LFDAVPASAIQPPLAPNPATWINKTGSTGGFSTYVAFVPAKRIGIV(MSE)LANGNVPI
EERVKAAYRILGSLGDA
;
_entity_poly.pdbx_strand_id   A,B
#
loop_
_chem_comp.id
_chem_comp.type
_chem_comp.name
_chem_comp.formula
ACY non-polymer 'ACETIC ACID' 'C2 H4 O2'
SCN non-polymer 'THIOCYANATE ION' 'C N S -1'
#
# COMPACT_ATOMS: atom_id res chain seq x y z
N ASN A 2 35.59 -10.95 -12.60
CA ASN A 2 34.44 -11.85 -12.60
C ASN A 2 33.12 -11.09 -12.65
N ALA A 3 32.79 -10.45 -11.52
CA ALA A 3 31.59 -9.63 -11.45
C ALA A 3 31.54 -8.60 -12.58
N ASP A 4 32.71 -8.11 -13.00
CA ASP A 4 32.76 -7.24 -14.17
C ASP A 4 32.31 -7.98 -15.43
N ASP A 5 32.99 -9.10 -15.75
CA ASP A 5 32.60 -9.90 -16.90
C ASP A 5 31.16 -10.36 -16.77
N LEU A 6 30.77 -10.79 -15.57
CA LEU A 6 29.41 -11.26 -15.36
C LEU A 6 28.40 -10.14 -15.59
N ARG A 7 28.65 -8.95 -15.06
CA ARG A 7 27.70 -7.87 -15.24
C ARG A 7 27.61 -7.49 -16.71
N ASP A 8 28.74 -7.47 -17.42
CA ASP A 8 28.71 -7.17 -18.84
C ASP A 8 27.85 -8.16 -19.59
N THR A 9 27.97 -9.44 -19.25
CA THR A 9 27.17 -10.47 -19.90
C THR A 9 25.69 -10.20 -19.70
N VAL A 10 25.29 -9.88 -18.47
CA VAL A 10 23.88 -9.58 -18.20
C VAL A 10 23.47 -8.32 -18.95
N THR A 11 24.26 -7.26 -18.83
CA THR A 11 23.90 -5.97 -19.40
C THR A 11 23.62 -6.07 -20.89
N ARG A 12 24.43 -6.86 -21.61
CA ARG A 12 24.25 -6.99 -23.06
C ARG A 12 22.90 -7.58 -23.40
N GLN A 13 22.26 -8.29 -22.48
CA GLN A 13 20.91 -8.79 -22.71
C GLN A 13 19.84 -7.84 -22.18
N ILE A 14 20.06 -7.29 -20.99
CA ILE A 14 19.00 -6.58 -20.27
C ILE A 14 18.82 -5.16 -20.80
N ALA A 15 19.92 -4.49 -21.14
CA ALA A 15 19.82 -3.12 -21.63
C ALA A 15 18.97 -3.00 -22.88
N PRO A 16 19.15 -3.82 -23.92
CA PRO A 16 18.25 -3.70 -25.08
C PRO A 16 16.84 -4.11 -24.75
N LEU A 17 16.67 -5.11 -23.87
CA LEU A 17 15.35 -5.50 -23.42
C LEU A 17 14.61 -4.33 -22.79
N MSE A 18 15.24 -3.67 -21.83
CA MSE A 18 14.59 -2.56 -21.16
C MSE A 18 14.39 -1.44 -22.17
O MSE A 18 13.46 -0.65 -22.07
CB MSE A 18 15.43 -2.10 -19.97
CG MSE A 18 15.69 -3.21 -18.98
SE MSE A 18 16.91 -2.62 -17.60
CE MSE A 18 15.90 -1.06 -17.03
N LYS A 19 15.28 -1.40 -23.15
CA LYS A 19 15.17 -0.41 -24.21
C LYS A 19 13.92 -0.66 -25.05
N GLN A 20 13.82 -1.84 -25.64
CA GLN A 20 12.75 -2.10 -26.59
C GLN A 20 11.38 -2.11 -25.94
N TYR A 21 11.30 -2.53 -24.67
CA TYR A 21 10.02 -2.63 -23.99
C TYR A 21 9.81 -1.53 -22.97
N ALA A 22 10.75 -0.59 -22.87
CA ALA A 22 10.60 0.58 -22.01
C ALA A 22 10.32 0.15 -20.58
N ILE A 23 11.17 -0.72 -20.06
CA ILE A 23 11.12 -1.14 -18.67
C ILE A 23 11.90 -0.12 -17.84
N PRO A 24 11.27 0.60 -16.91
CA PRO A 24 12.03 1.55 -16.09
C PRO A 24 13.15 0.90 -15.30
N GLY A 25 12.95 -0.32 -14.82
CA GLY A 25 13.95 -0.93 -13.97
C GLY A 25 13.86 -2.44 -14.00
N MSE A 26 14.99 -3.06 -13.68
CA MSE A 26 15.09 -4.50 -13.53
C MSE A 26 16.09 -4.85 -12.45
O MSE A 26 17.06 -4.13 -12.25
CB MSE A 26 15.51 -5.19 -14.84
CG MSE A 26 14.53 -5.03 -15.97
SE MSE A 26 14.95 -6.29 -17.36
CE MSE A 26 14.51 -7.96 -16.42
N ALA A 27 15.87 -5.95 -11.77
CA ALA A 27 16.85 -6.52 -10.86
C ALA A 27 17.13 -7.95 -11.32
N ILE A 28 18.42 -8.27 -11.46
CA ILE A 28 18.85 -9.56 -12.00
C ILE A 28 19.68 -10.26 -10.94
N GLY A 29 19.28 -11.47 -10.59
CA GLY A 29 20.04 -12.32 -9.68
C GLY A 29 20.67 -13.46 -10.46
N ILE A 30 21.95 -13.72 -10.17
CA ILE A 30 22.71 -14.78 -10.83
C ILE A 30 23.40 -15.63 -9.77
N VAL A 31 23.24 -16.95 -9.88
CA VAL A 31 24.09 -17.92 -9.19
C VAL A 31 25.07 -18.46 -10.21
N ALA A 32 26.35 -18.19 -9.99
CA ALA A 32 27.41 -18.63 -10.89
C ALA A 32 28.34 -19.50 -10.08
N ASP A 33 28.26 -20.82 -10.27
CA ASP A 33 29.01 -21.79 -9.49
C ASP A 33 28.68 -21.65 -7.99
N GLY A 34 27.41 -21.48 -7.67
CA GLY A 34 26.99 -21.31 -6.29
C GLY A 34 27.16 -19.91 -5.74
N LYS A 35 27.89 -19.04 -6.42
CA LYS A 35 28.07 -17.68 -5.95
C LYS A 35 26.90 -16.81 -6.40
N PRO A 36 26.22 -16.12 -5.48
CA PRO A 36 25.14 -15.21 -5.87
C PRO A 36 25.66 -13.83 -6.25
N TYR A 37 24.93 -13.20 -7.17
CA TYR A 37 25.17 -11.83 -7.60
C TYR A 37 23.84 -11.18 -7.91
N VAL A 38 23.70 -9.90 -7.59
CA VAL A 38 22.50 -9.15 -7.96
C VAL A 38 22.94 -7.88 -8.69
N PHE A 39 22.36 -7.65 -9.85
CA PHE A 39 22.69 -6.51 -10.70
C PHE A 39 21.42 -5.69 -10.91
N ASP A 40 21.44 -4.43 -10.47
CA ASP A 40 20.27 -3.56 -10.53
C ASP A 40 20.39 -2.62 -11.72
N TYR A 41 19.25 -2.32 -12.34
CA TYR A 41 19.21 -1.45 -13.51
C TYR A 41 18.04 -0.49 -13.41
N GLY A 42 18.27 0.77 -13.78
CA GLY A 42 17.15 1.68 -13.95
C GLY A 42 16.52 2.11 -12.64
N VAL A 43 15.22 2.36 -12.68
CA VAL A 43 14.52 3.12 -11.65
C VAL A 43 13.25 2.40 -11.21
N MSE A 44 12.85 2.65 -9.96
CA MSE A 44 11.71 2.03 -9.29
C MSE A 44 10.37 2.62 -9.72
O MSE A 44 9.35 1.93 -9.66
CB MSE A 44 11.82 2.18 -7.78
CG MSE A 44 13.01 1.51 -7.14
SE MSE A 44 12.98 1.74 -5.20
CE MSE A 44 11.08 1.47 -4.88
N SER A 45 10.38 3.90 -10.09
CA SER A 45 9.16 4.66 -10.32
C SER A 45 9.47 5.85 -11.21
N LYS A 46 8.73 5.97 -12.32
CA LYS A 46 8.93 7.06 -13.27
C LYS A 46 8.59 8.41 -12.68
N GLN A 47 7.75 8.45 -11.66
CA GLN A 47 7.36 9.73 -11.08
C GLN A 47 8.39 10.21 -10.07
N THR A 48 9.03 9.29 -9.35
CA THR A 48 10.02 9.64 -8.34
C THR A 48 11.46 9.34 -8.75
N GLY A 49 11.67 8.63 -9.86
CA GLY A 49 13.01 8.42 -10.37
C GLY A 49 13.98 7.72 -9.44
N LYS A 50 13.46 7.13 -8.37
CA LYS A 50 14.31 6.45 -7.40
C LYS A 50 14.89 5.16 -8.01
N PRO A 51 16.18 4.91 -7.86
CA PRO A 51 16.81 3.79 -8.57
C PRO A 51 16.53 2.45 -7.90
N VAL A 52 16.64 1.40 -8.71
CA VAL A 52 16.51 0.05 -8.19
C VAL A 52 17.72 -0.26 -7.33
N THR A 53 17.48 -0.67 -6.08
CA THR A 53 18.55 -1.02 -5.16
C THR A 53 18.34 -2.41 -4.60
N GLY A 54 19.13 -2.77 -3.58
CA GLY A 54 19.06 -4.11 -3.02
C GLY A 54 17.71 -4.44 -2.39
N ASP A 55 16.97 -3.44 -1.94
CA ASP A 55 15.75 -3.68 -1.18
C ASP A 55 14.48 -3.43 -1.98
N THR A 56 14.60 -3.05 -3.26
CA THR A 56 13.45 -2.75 -4.09
C THR A 56 12.56 -3.97 -4.26
N LEU A 57 11.25 -3.79 -4.06
CA LEU A 57 10.29 -4.89 -4.11
C LEU A 57 9.59 -4.94 -5.47
N PHE A 58 9.50 -6.15 -6.03
CA PHE A 58 8.78 -6.43 -7.27
C PHE A 58 7.69 -7.46 -6.99
N GLU A 59 6.56 -7.34 -7.70
CA GLU A 59 5.55 -8.39 -7.71
C GLU A 59 5.98 -9.48 -8.68
N ILE A 60 6.00 -10.73 -8.20
CA ILE A 60 6.48 -11.84 -9.02
C ILE A 60 5.34 -12.66 -9.61
N GLY A 61 4.10 -12.20 -9.47
CA GLY A 61 3.00 -12.90 -10.11
C GLY A 61 2.93 -14.36 -9.72
N SER A 62 2.75 -15.23 -10.72
N SER A 62 2.76 -15.22 -10.72
CA SER A 62 2.56 -16.66 -10.48
CA SER A 62 2.57 -16.66 -10.51
C SER A 62 3.80 -17.38 -9.99
C SER A 62 3.80 -17.36 -9.98
N VAL A 63 4.96 -16.71 -9.96
CA VAL A 63 6.10 -17.31 -9.29
C VAL A 63 5.81 -17.45 -7.81
N SER A 64 4.87 -16.66 -7.28
CA SER A 64 4.38 -16.86 -5.92
C SER A 64 4.00 -18.32 -5.68
N LYS A 65 3.38 -18.95 -6.67
CA LYS A 65 2.93 -20.32 -6.52
C LYS A 65 4.06 -21.32 -6.26
N THR A 66 5.30 -20.98 -6.62
CA THR A 66 6.38 -21.89 -6.27
C THR A 66 6.61 -21.93 -4.77
N LEU A 67 6.37 -20.80 -4.08
CA LEU A 67 6.54 -20.78 -2.62
C LEU A 67 5.37 -21.46 -1.94
N THR A 68 4.16 -21.25 -2.45
CA THR A 68 3.00 -22.00 -1.97
C THR A 68 3.22 -23.50 -2.12
N ALA A 69 3.71 -23.94 -3.29
CA ALA A 69 4.00 -25.36 -3.49
C ALA A 69 5.01 -25.88 -2.47
N THR A 70 6.01 -25.07 -2.14
CA THR A 70 7.00 -25.48 -1.16
C THR A 70 6.36 -25.68 0.20
N LEU A 71 5.47 -24.77 0.58
CA LEU A 71 4.75 -24.89 1.85
C LEU A 71 3.92 -26.18 1.90
N ALA A 72 3.20 -26.47 0.81
CA ALA A 72 2.39 -27.68 0.75
C ALA A 72 3.27 -28.91 0.80
N SER A 73 4.42 -28.85 0.13
CA SER A 73 5.39 -29.94 0.18
C SER A 73 5.91 -30.14 1.59
N ASP A 74 6.11 -29.05 2.33
CA ASP A 74 6.56 -29.18 3.71
C ASP A 74 5.49 -29.82 4.59
N ALA A 75 4.24 -29.35 4.49
CA ALA A 75 3.15 -30.02 5.19
C ALA A 75 3.12 -31.51 4.88
N GLN A 76 3.27 -31.87 3.61
CA GLN A 76 3.30 -33.29 3.24
C GLN A 76 4.43 -34.00 3.96
N GLU A 77 5.60 -33.34 4.04
CA GLU A 77 6.77 -33.96 4.67
C GLU A 77 6.54 -34.18 6.16
N GLY A 78 5.75 -33.32 6.79
CA GLY A 78 5.45 -33.50 8.19
C GLY A 78 4.21 -34.32 8.47
N GLY A 79 3.66 -34.96 7.47
CA GLY A 79 2.47 -35.78 7.66
C GLY A 79 1.19 -35.01 7.89
N GLU A 80 1.20 -33.68 7.69
CA GLU A 80 -0.01 -32.91 7.96
C GLU A 80 -0.97 -32.98 6.80
N LEU A 81 -0.50 -33.37 5.62
CA LEU A 81 -1.38 -33.62 4.49
C LEU A 81 -0.74 -34.64 3.57
N SER A 82 -1.56 -35.15 2.65
CA SER A 82 -1.09 -35.89 1.49
C SER A 82 -1.49 -35.12 0.24
N LEU A 83 -0.60 -35.05 -0.74
CA LEU A 83 -0.98 -34.44 -2.01
C LEU A 83 -2.12 -35.19 -2.68
N ALA A 84 -2.32 -36.46 -2.33
CA ALA A 84 -3.46 -37.23 -2.83
C ALA A 84 -4.74 -36.95 -2.07
N ASP A 85 -4.71 -36.12 -1.04
CA ASP A 85 -5.91 -35.81 -0.29
C ASP A 85 -6.91 -35.06 -1.19
N PRO A 86 -8.21 -35.38 -1.10
CA PRO A 86 -9.20 -34.61 -1.84
C PRO A 86 -9.51 -33.30 -1.13
N ALA A 87 -9.87 -32.29 -1.92
CA ALA A 87 -10.24 -31.00 -1.34
C ALA A 87 -11.34 -31.18 -0.31
N GLY A 88 -12.27 -32.12 -0.57
CA GLY A 88 -13.37 -32.36 0.35
C GLY A 88 -12.95 -32.83 1.72
N LYS A 89 -11.70 -33.31 1.87
CA LYS A 89 -11.20 -33.66 3.19
C LYS A 89 -11.14 -32.43 4.10
N TYR A 90 -10.73 -31.29 3.54
CA TYR A 90 -10.56 -30.06 4.32
C TYR A 90 -11.73 -29.10 4.19
N LEU A 91 -12.55 -29.22 3.15
CA LEU A 91 -13.80 -28.48 3.01
C LEU A 91 -14.92 -29.50 3.00
N PRO A 92 -15.44 -29.88 4.17
CA PRO A 92 -16.39 -31.00 4.22
C PRO A 92 -17.67 -30.76 3.44
N GLU A 93 -18.08 -29.50 3.27
CA GLU A 93 -19.31 -29.21 2.52
C GLU A 93 -19.22 -29.73 1.09
N LEU A 94 -18.04 -29.62 0.47
CA LEU A 94 -17.84 -30.00 -0.92
C LEU A 94 -17.88 -31.49 -1.15
N GLN A 95 -17.92 -32.29 -0.08
CA GLN A 95 -18.09 -33.73 -0.26
C GLN A 95 -19.38 -34.00 -0.99
N GLY A 96 -19.29 -34.73 -2.10
CA GLY A 96 -20.40 -34.90 -3.02
C GLY A 96 -20.38 -33.95 -4.20
N LYS A 97 -19.53 -32.98 -4.18
CA LYS A 97 -19.46 -32.03 -5.27
C LYS A 97 -18.22 -32.30 -6.13
N PRO A 98 -18.33 -32.01 -7.43
CA PRO A 98 -17.21 -32.26 -8.35
C PRO A 98 -15.85 -31.77 -7.84
N PHE A 99 -15.81 -30.65 -7.12
CA PHE A 99 -14.56 -30.15 -6.59
C PHE A 99 -14.10 -30.91 -5.35
N GLY A 100 -15.01 -31.56 -4.63
CA GLY A 100 -14.64 -32.28 -3.43
C GLY A 100 -13.67 -33.43 -3.67
N VAL A 101 -13.58 -33.92 -4.91
CA VAL A 101 -12.68 -35.01 -5.24
C VAL A 101 -11.37 -34.56 -5.86
N VAL A 102 -11.26 -33.29 -6.27
CA VAL A 102 -9.98 -32.78 -6.78
C VAL A 102 -8.94 -32.91 -5.67
N THR A 103 -7.78 -33.47 -6.01
CA THR A 103 -6.73 -33.65 -5.02
C THR A 103 -5.85 -32.42 -4.94
N LEU A 104 -5.06 -32.35 -3.87
CA LEU A 104 -4.08 -31.28 -3.75
C LEU A 104 -3.07 -31.33 -4.90
N LEU A 105 -2.72 -32.55 -5.34
CA LEU A 105 -1.80 -32.69 -6.47
C LEU A 105 -2.37 -32.08 -7.75
N GLN A 106 -3.66 -32.33 -8.02
CA GLN A 106 -4.28 -31.75 -9.21
C GLN A 106 -4.31 -30.23 -9.16
N LEU A 107 -4.41 -29.65 -7.96
CA LEU A 107 -4.35 -28.19 -7.86
C LEU A 107 -2.93 -27.66 -8.10
N GLY A 108 -1.92 -28.42 -7.70
CA GLY A 108 -0.55 -27.98 -7.86
C GLY A 108 0.07 -28.29 -9.20
N THR A 109 -0.70 -28.92 -10.08
CA THR A 109 -0.21 -29.27 -11.41
C THR A 109 -1.08 -28.66 -12.51
N HIS A 110 -2.06 -27.82 -12.15
CA HIS A 110 -3.00 -27.20 -13.10
C HIS A 110 -3.86 -28.23 -13.81
N THR A 111 -4.16 -29.35 -13.15
CA THR A 111 -4.98 -30.36 -13.80
C THR A 111 -6.31 -30.68 -13.10
N PRO A 112 -6.96 -29.73 -12.39
CA PRO A 112 -8.20 -30.10 -11.68
C PRO A 112 -9.36 -30.47 -12.61
N GLY A 113 -9.34 -29.99 -13.85
CA GLY A 113 -10.34 -30.38 -14.82
C GLY A 113 -11.07 -29.23 -15.45
N GLY A 114 -10.61 -28.01 -15.21
CA GLY A 114 -11.20 -26.84 -15.82
C GLY A 114 -11.49 -25.75 -14.80
N THR A 115 -11.71 -24.54 -15.33
CA THR A 115 -11.93 -23.36 -14.50
C THR A 115 -12.68 -22.27 -15.27
N ARG A 124 -15.09 -12.94 -2.42
CA ARG A 124 -15.52 -11.82 -1.61
C ARG A 124 -15.41 -12.18 -0.12
N ASP A 125 -16.16 -13.19 0.29
CA ASP A 125 -15.99 -13.85 1.57
C ASP A 125 -15.78 -15.35 1.34
N ASP A 126 -15.56 -16.07 2.44
CA ASP A 126 -15.30 -17.50 2.33
C ASP A 126 -16.57 -18.31 2.06
N ALA A 127 -17.71 -17.88 2.65
CA ALA A 127 -18.97 -18.56 2.37
C ALA A 127 -19.31 -18.50 0.89
N GLY A 128 -18.98 -17.40 0.23
CA GLY A 128 -19.21 -17.30 -1.21
C GLY A 128 -18.23 -18.13 -2.03
N LEU A 129 -16.98 -18.21 -1.57
CA LEU A 129 -16.02 -19.12 -2.17
C LEU A 129 -16.54 -20.56 -2.13
N ILE A 130 -16.96 -21.01 -0.95
CA ILE A 130 -17.58 -22.32 -0.84
C ILE A 130 -18.79 -22.42 -1.77
N ARG A 131 -19.54 -21.33 -1.88
CA ARG A 131 -20.64 -21.30 -2.85
C ARG A 131 -20.11 -21.50 -4.26
N TYR A 132 -19.00 -20.85 -4.61
CA TYR A 132 -18.47 -21.00 -5.96
C TYR A 132 -17.97 -22.41 -6.21
N LEU A 133 -17.22 -22.98 -5.26
CA LEU A 133 -16.69 -24.32 -5.45
C LEU A 133 -17.81 -25.35 -5.56
N ASP A 134 -18.92 -25.13 -4.84
CA ASP A 134 -20.02 -26.09 -4.88
C ASP A 134 -20.64 -26.19 -6.28
N ALA A 135 -20.87 -25.05 -6.92
CA ALA A 135 -21.50 -25.04 -8.24
C ALA A 135 -20.52 -25.34 -9.36
N TRP A 136 -19.23 -25.45 -9.06
CA TRP A 136 -18.21 -25.65 -10.08
C TRP A 136 -18.38 -27.00 -10.76
N ARG A 137 -18.47 -26.98 -12.09
CA ARG A 137 -18.57 -28.20 -12.88
C ARG A 137 -17.39 -28.26 -13.85
N PRO A 138 -16.57 -29.30 -13.79
CA PRO A 138 -15.34 -29.32 -14.59
C PRO A 138 -15.62 -29.59 -16.06
N ALA A 139 -14.67 -29.13 -16.89
CA ALA A 139 -14.71 -29.46 -18.31
C ALA A 139 -14.11 -30.83 -18.58
N TYR A 140 -13.17 -31.26 -17.75
CA TYR A 140 -12.45 -32.50 -17.94
C TYR A 140 -12.39 -33.26 -16.62
N ALA A 141 -12.19 -34.56 -16.70
CA ALA A 141 -11.92 -35.34 -15.51
C ALA A 141 -10.64 -34.82 -14.84
N PRO A 142 -10.53 -34.90 -13.52
CA PRO A 142 -9.32 -34.41 -12.85
C PRO A 142 -8.09 -35.18 -13.31
N GLY A 143 -6.99 -34.44 -13.49
CA GLY A 143 -5.72 -35.06 -13.81
C GLY A 143 -5.54 -35.50 -15.24
N THR A 144 -6.33 -34.98 -16.18
CA THR A 144 -6.21 -35.34 -17.59
C THR A 144 -5.87 -34.16 -18.50
N HIS A 145 -6.09 -32.93 -18.07
CA HIS A 145 -5.78 -31.78 -18.90
C HIS A 145 -5.14 -30.69 -18.07
N ARG A 146 -4.12 -30.05 -18.63
CA ARG A 146 -3.40 -28.98 -17.96
C ARG A 146 -3.97 -27.65 -18.44
N LYS A 147 -4.43 -26.84 -17.50
CA LYS A 147 -5.07 -25.57 -17.84
C LYS A 147 -4.67 -24.56 -16.78
N TYR A 148 -3.94 -23.52 -17.19
CA TYR A 148 -3.42 -22.53 -16.25
C TYR A 148 -4.54 -21.76 -15.58
N SER A 149 -4.47 -21.63 -14.24
CA SER A 149 -5.58 -21.12 -13.46
C SER A 149 -5.17 -20.71 -12.04
N ASN A 150 -5.60 -19.53 -11.60
CA ASN A 150 -5.34 -19.08 -10.24
C ASN A 150 -6.22 -19.78 -9.21
N VAL A 151 -7.35 -20.36 -9.65
CA VAL A 151 -8.24 -21.07 -8.73
C VAL A 151 -7.62 -22.38 -8.25
N ALA A 152 -6.87 -23.05 -9.11
CA ALA A 152 -6.20 -24.29 -8.73
C ALA A 152 -5.21 -24.05 -7.60
N ILE A 153 -4.16 -23.27 -7.89
CA ILE A 153 -3.12 -23.02 -6.91
C ILE A 153 -3.61 -22.08 -5.81
N GLY A 154 -4.53 -21.17 -6.13
CA GLY A 154 -5.22 -20.44 -5.08
C GLY A 154 -5.72 -21.38 -4.01
N MSE A 155 -6.39 -22.45 -4.43
CA MSE A 155 -6.90 -23.44 -3.51
C MSE A 155 -5.84 -24.37 -2.93
O MSE A 155 -6.05 -24.95 -1.88
CB MSE A 155 -7.98 -24.27 -4.20
CG MSE A 155 -9.32 -23.56 -4.30
SE MSE A 155 -9.95 -22.88 -2.58
CE MSE A 155 -10.05 -24.54 -1.58
N LEU A 156 -4.69 -24.52 -3.59
CA LEU A 156 -3.64 -25.34 -2.98
C LEU A 156 -3.15 -24.68 -1.69
N GLY A 157 -2.91 -23.37 -1.73
CA GLY A 157 -2.45 -22.68 -0.55
C GLY A 157 -3.48 -22.63 0.55
N TRP A 158 -4.75 -22.42 0.17
N TRP A 158 -4.75 -22.39 0.18
CA TRP A 158 -5.81 -22.37 1.18
CA TRP A 158 -5.83 -22.37 1.14
C TRP A 158 -5.93 -23.69 1.91
C TRP A 158 -5.89 -23.69 1.91
N LEU A 159 -5.88 -24.81 1.17
CA LEU A 159 -6.07 -26.12 1.78
C LEU A 159 -4.86 -26.53 2.60
N THR A 160 -3.65 -26.15 2.17
CA THR A 160 -2.46 -26.40 2.97
C THR A 160 -2.52 -25.67 4.32
N ALA A 161 -3.01 -24.43 4.32
CA ALA A 161 -3.16 -23.70 5.57
C ALA A 161 -4.19 -24.36 6.47
N LYS A 162 -5.30 -24.86 5.91
CA LYS A 162 -6.25 -25.64 6.69
C LYS A 162 -5.55 -26.82 7.36
N ALA A 163 -4.79 -27.59 6.57
CA ALA A 163 -4.11 -28.76 7.10
C ALA A 163 -3.06 -28.39 8.15
N MSE A 164 -2.41 -27.24 8.00
CA MSE A 164 -1.35 -26.85 8.93
C MSE A 164 -1.85 -26.05 10.13
O MSE A 164 -1.05 -25.60 10.95
CB MSE A 164 -0.27 -26.07 8.20
CG MSE A 164 0.42 -26.89 7.12
SE MSE A 164 1.91 -25.96 6.31
CE MSE A 164 3.28 -26.42 7.62
N HIS A 165 -3.16 -25.86 10.23
CA HIS A 165 -3.78 -25.21 11.38
C HIS A 165 -3.24 -23.79 11.56
N GLN A 166 -3.21 -23.03 10.46
CA GLN A 166 -2.72 -21.67 10.56
C GLN A 166 -3.31 -20.82 9.45
N ASP A 167 -3.30 -19.50 9.71
CA ASP A 167 -3.51 -18.46 8.70
C ASP A 167 -2.49 -18.61 7.59
N PHE A 168 -2.94 -18.42 6.33
CA PHE A 168 -2.04 -18.60 5.20
C PHE A 168 -0.86 -17.62 5.23
N ALA A 169 -1.16 -16.31 5.26
CA ALA A 169 -0.10 -15.31 5.21
C ALA A 169 0.89 -15.46 6.36
N THR A 170 0.40 -15.88 7.53
CA THR A 170 1.27 -16.15 8.68
C THR A 170 2.23 -17.29 8.40
N LEU A 171 1.75 -18.36 7.77
CA LEU A 171 2.61 -19.49 7.42
C LEU A 171 3.72 -19.07 6.47
N MSE A 172 3.46 -18.12 5.58
CA MSE A 172 4.46 -17.69 4.64
C MSE A 172 5.51 -16.79 5.30
O MSE A 172 6.71 -16.98 5.11
CB MSE A 172 3.79 -16.98 3.47
CG MSE A 172 2.81 -17.86 2.71
SE MSE A 172 3.65 -19.27 1.65
CE MSE A 172 3.96 -18.26 0.01
N GLU A 173 5.06 -15.82 6.08
CA GLU A 173 5.95 -14.82 6.63
C GLU A 173 6.63 -15.24 7.94
N GLN A 174 5.99 -16.10 8.73
N GLN A 174 5.97 -16.09 8.74
CA GLN A 174 6.58 -16.51 10.00
CA GLN A 174 6.50 -16.54 10.02
C GLN A 174 7.19 -17.91 9.95
C GLN A 174 7.17 -17.91 9.94
N ARG A 175 7.02 -18.63 8.84
CA ARG A 175 7.51 -19.99 8.72
C ARG A 175 8.40 -20.14 7.50
N LEU A 176 7.82 -20.07 6.30
CA LEU A 176 8.57 -20.42 5.10
C LEU A 176 9.68 -19.41 4.83
N PHE A 177 9.35 -18.12 4.71
CA PHE A 177 10.33 -17.10 4.33
C PHE A 177 11.51 -17.04 5.29
N PRO A 178 11.33 -16.94 6.61
CA PRO A 178 12.51 -16.94 7.49
C PRO A 178 13.30 -18.23 7.46
N ALA A 179 12.67 -19.36 7.12
CA ALA A 179 13.42 -20.60 7.08
C ALA A 179 14.32 -20.69 5.86
N ILE A 180 14.03 -19.93 4.81
CA ILE A 180 14.96 -19.74 3.70
C ILE A 180 15.85 -18.53 3.94
N GLY A 181 15.59 -17.74 4.97
CA GLY A 181 16.32 -16.51 5.16
C GLY A 181 15.91 -15.46 4.16
N MSE A 182 14.63 -15.42 3.78
CA MSE A 182 14.12 -14.40 2.89
C MSE A 182 13.52 -13.28 3.73
O MSE A 182 12.35 -13.33 4.13
CB MSE A 182 13.07 -14.99 1.94
CG MSE A 182 13.59 -16.17 1.11
SE MSE A 182 12.17 -17.04 0.08
CE MSE A 182 11.83 -15.63 -1.20
N THR A 183 14.34 -12.27 4.01
CA THR A 183 14.00 -11.23 4.98
C THR A 183 13.39 -9.98 4.33
N HIS A 184 13.20 -9.99 3.01
CA HIS A 184 12.54 -8.88 2.31
C HIS A 184 11.51 -9.42 1.34
N THR A 185 10.69 -10.35 1.85
CA THR A 185 9.70 -11.06 1.08
C THR A 185 8.39 -11.00 1.86
N TYR A 186 7.30 -10.61 1.19
CA TYR A 186 6.05 -10.34 1.88
C TYR A 186 4.86 -10.86 1.08
N ILE A 187 3.86 -11.36 1.80
CA ILE A 187 2.51 -11.41 1.26
C ILE A 187 1.82 -10.06 1.47
N ASN A 188 1.93 -9.53 2.69
CA ASN A 188 1.46 -8.21 3.06
C ASN A 188 2.67 -7.33 3.32
N VAL A 189 2.86 -6.32 2.47
CA VAL A 189 4.04 -5.46 2.62
C VAL A 189 3.83 -4.53 3.81
N PRO A 190 4.78 -4.46 4.75
CA PRO A 190 4.58 -3.65 5.96
C PRO A 190 4.76 -2.17 5.68
N ALA A 191 4.25 -1.36 6.62
CA ALA A 191 4.29 0.09 6.45
C ALA A 191 5.72 0.59 6.30
N ALA A 192 6.62 0.13 7.16
CA ALA A 192 8.02 0.54 7.04
C ALA A 192 8.65 0.14 5.70
N ARG A 193 8.00 -0.72 4.92
CA ARG A 193 8.54 -1.22 3.67
C ARG A 193 7.83 -0.67 2.44
N MSE A 194 6.76 0.11 2.60
CA MSE A 194 6.05 0.59 1.42
C MSE A 194 6.97 1.44 0.55
O MSE A 194 6.78 1.55 -0.66
CB MSE A 194 4.81 1.39 1.80
CG MSE A 194 3.57 0.57 2.12
SE MSE A 194 3.05 -0.73 0.74
CE MSE A 194 3.20 0.35 -0.88
N ALA A 195 7.99 2.03 1.18
CA ALA A 195 8.95 2.86 0.46
C ALA A 195 9.84 2.05 -0.48
N ASP A 196 9.99 0.75 -0.23
CA ASP A 196 10.79 -0.12 -1.08
C ASP A 196 10.03 -0.68 -2.28
N TYR A 197 8.71 -0.49 -2.33
CA TYR A 197 7.82 -1.18 -3.26
C TYR A 197 7.86 -0.45 -4.60
N ALA A 198 8.44 -1.09 -5.62
CA ALA A 198 8.54 -0.47 -6.93
C ALA A 198 7.15 -0.25 -7.52
N GLN A 199 7.07 0.65 -8.50
CA GLN A 199 5.83 0.90 -9.22
C GLN A 199 5.81 0.07 -10.49
N GLY A 200 4.72 -0.66 -10.71
CA GLY A 200 4.54 -1.36 -11.95
C GLY A 200 4.00 -0.46 -13.03
N TYR A 201 4.15 -0.90 -14.29
CA TYR A 201 3.69 -0.11 -15.42
C TYR A 201 3.10 -1.03 -16.46
N THR A 202 1.88 -0.73 -16.89
CA THR A 202 1.21 -1.53 -17.89
C THR A 202 1.94 -1.39 -19.22
N LYS A 203 1.47 -2.14 -20.23
CA LYS A 203 2.08 -2.07 -21.55
C LYS A 203 1.94 -0.68 -22.16
N ASP A 204 0.94 0.09 -21.73
CA ASP A 204 0.81 1.48 -22.19
C ASP A 204 1.81 2.40 -21.53
N GLY A 205 2.23 2.08 -20.31
CA GLY A 205 3.00 2.99 -19.48
C GLY A 205 2.23 3.52 -18.30
N LYS A 206 0.96 3.14 -18.16
CA LYS A 206 0.17 3.57 -17.03
C LYS A 206 0.68 2.90 -15.76
N PRO A 207 0.90 3.63 -14.68
CA PRO A 207 1.41 3.02 -13.46
C PRO A 207 0.33 2.20 -12.77
N VAL A 208 0.76 1.12 -12.12
CA VAL A 208 -0.17 0.16 -11.55
C VAL A 208 0.55 -0.67 -10.51
N ARG A 209 -0.18 -1.02 -9.44
CA ARG A 209 0.20 -2.11 -8.56
C ARG A 209 -0.99 -3.04 -8.44
N MSE A 210 -0.94 -3.94 -7.47
CA MSE A 210 -1.81 -5.12 -7.47
C MSE A 210 -3.23 -4.93 -6.98
O MSE A 210 -3.48 -4.28 -5.96
CB MSE A 210 -1.15 -6.19 -6.62
CG MSE A 210 -0.67 -7.40 -7.35
SE MSE A 210 0.12 -8.49 -5.98
CE MSE A 210 -1.37 -8.52 -4.71
N THR A 211 -4.17 -5.55 -7.70
CA THR A 211 -5.53 -5.71 -7.22
C THR A 211 -5.66 -7.09 -6.60
N GLU A 212 -6.20 -7.16 -5.39
CA GLU A 212 -6.19 -8.37 -4.57
C GLU A 212 -7.55 -9.05 -4.58
N GLY A 213 -7.75 -9.96 -5.53
CA GLY A 213 -8.95 -10.77 -5.55
C GLY A 213 -8.95 -11.80 -4.44
N MSE A 214 -9.84 -12.77 -4.55
CA MSE A 214 -9.88 -13.87 -3.59
C MSE A 214 -8.84 -14.90 -3.99
O MSE A 214 -8.55 -15.05 -5.19
CB MSE A 214 -11.28 -14.48 -3.52
CG MSE A 214 -11.51 -15.49 -2.38
SE MSE A 214 -11.08 -14.88 -0.58
CE MSE A 214 -12.01 -13.17 -0.57
N LEU A 215 -8.27 -15.59 -3.00
CA LEU A 215 -7.10 -16.44 -3.22
C LEU A 215 -5.96 -15.65 -3.84
N TRP A 216 -5.85 -14.37 -3.48
CA TRP A 216 -4.78 -13.55 -4.06
C TRP A 216 -3.43 -13.86 -3.45
N GLN A 217 -3.40 -14.20 -2.17
CA GLN A 217 -2.12 -14.48 -1.52
C GLN A 217 -1.47 -15.74 -2.06
N PRO A 218 -2.17 -16.89 -2.16
CA PRO A 218 -1.47 -18.10 -2.59
C PRO A 218 -1.08 -18.08 -4.06
N ALA A 219 -1.79 -17.34 -4.90
CA ALA A 219 -1.58 -17.43 -6.34
C ALA A 219 -0.60 -16.39 -6.86
N TYR A 220 -0.58 -15.20 -6.29
CA TYR A 220 0.28 -14.14 -6.84
C TYR A 220 0.61 -13.06 -5.83
N GLY A 221 0.54 -13.34 -4.54
CA GLY A 221 0.64 -12.31 -3.53
C GLY A 221 2.04 -11.91 -3.12
N VAL A 222 3.08 -12.52 -3.69
CA VAL A 222 4.44 -12.29 -3.21
C VAL A 222 5.02 -11.02 -3.84
N ARG A 223 5.51 -10.14 -2.99
CA ARG A 223 6.43 -9.07 -3.33
C ARG A 223 7.78 -9.42 -2.73
N THR A 224 8.87 -9.19 -3.47
CA THR A 224 10.17 -9.63 -2.99
C THR A 224 11.27 -8.89 -3.74
N THR A 225 12.50 -9.09 -3.28
CA THR A 225 13.70 -8.55 -3.90
C THR A 225 14.39 -9.61 -4.75
N ALA A 226 15.30 -9.16 -5.60
CA ALA A 226 16.06 -10.10 -6.41
C ALA A 226 16.92 -10.99 -5.53
N ALA A 227 17.52 -10.42 -4.48
CA ALA A 227 18.35 -11.21 -3.58
C ALA A 227 17.54 -12.34 -2.95
N ASP A 228 16.34 -12.04 -2.45
CA ASP A 228 15.57 -13.07 -1.75
C ASP A 228 15.12 -14.17 -2.70
N LEU A 229 14.63 -13.80 -3.88
CA LEU A 229 14.25 -14.81 -4.86
C LEU A 229 15.46 -15.64 -5.27
N LEU A 230 16.63 -14.99 -5.38
CA LEU A 230 17.85 -15.72 -5.69
C LEU A 230 18.18 -16.73 -4.59
N ARG A 231 18.00 -16.33 -3.33
CA ARG A 231 18.31 -17.24 -2.23
C ARG A 231 17.40 -18.46 -2.28
N PHE A 232 16.14 -18.27 -2.67
CA PHE A 232 15.22 -19.38 -2.89
C PHE A 232 15.74 -20.32 -3.99
N VAL A 233 16.22 -19.75 -5.10
CA VAL A 233 16.82 -20.55 -6.15
C VAL A 233 18.01 -21.35 -5.63
N GLN A 234 18.84 -20.73 -4.79
CA GLN A 234 19.95 -21.47 -4.18
C GLN A 234 19.42 -22.61 -3.33
N ALA A 235 18.37 -22.35 -2.54
CA ALA A 235 17.78 -23.40 -1.72
C ALA A 235 17.25 -24.55 -2.58
N ASN A 236 16.67 -24.23 -3.75
CA ASN A 236 16.21 -25.26 -4.68
C ASN A 236 17.34 -26.04 -5.31
N MSE A 237 18.60 -25.67 -5.07
CA MSE A 237 19.71 -26.50 -5.48
C MSE A 237 20.52 -26.97 -4.27
O MSE A 237 21.64 -27.47 -4.42
CB MSE A 237 20.59 -25.73 -6.46
CG MSE A 237 19.83 -25.27 -7.69
SE MSE A 237 20.97 -24.49 -9.07
CE MSE A 237 21.39 -22.79 -8.20
N GLY A 238 19.96 -26.81 -3.08
CA GLY A 238 20.51 -27.38 -1.86
C GLY A 238 21.74 -26.69 -1.32
N MSE A 239 21.90 -25.40 -1.57
CA MSE A 239 23.17 -24.72 -1.30
C MSE A 239 23.27 -23.94 -0.02
O MSE A 239 24.36 -23.51 0.33
CB MSE A 239 23.49 -23.77 -2.44
CG MSE A 239 23.75 -24.43 -3.75
SE MSE A 239 23.70 -23.15 -5.21
CE MSE A 239 24.36 -24.34 -6.56
N ILE A 240 22.17 -23.72 0.71
CA ILE A 240 22.26 -22.75 1.79
C ILE A 240 21.85 -23.29 3.16
N HIS A 241 22.08 -24.57 3.41
CA HIS A 241 21.91 -25.12 4.77
C HIS A 241 20.50 -24.92 5.30
N THR A 242 19.50 -25.22 4.48
CA THR A 242 18.15 -25.26 5.02
C THR A 242 18.00 -26.51 5.89
N ALA A 243 17.10 -26.41 6.88
CA ALA A 243 16.83 -27.52 7.77
C ALA A 243 16.38 -28.74 6.97
N PRO A 244 16.58 -29.94 7.51
CA PRO A 244 16.37 -31.15 6.68
C PRO A 244 14.95 -31.32 6.16
N ARG A 245 13.91 -31.05 6.98
CA ARG A 245 12.54 -31.22 6.51
C ARG A 245 12.22 -30.27 5.37
N LEU A 246 12.57 -29.00 5.50
CA LEU A 246 12.34 -28.07 4.40
C LEU A 246 13.17 -28.42 3.19
N GLN A 247 14.41 -28.87 3.39
CA GLN A 247 15.26 -29.20 2.25
C GLN A 247 14.66 -30.33 1.43
N ARG A 248 14.24 -31.41 2.10
CA ARG A 248 13.51 -32.47 1.41
C ARG A 248 12.24 -31.93 0.76
N ALA A 249 11.49 -31.09 1.48
CA ALA A 249 10.27 -30.52 0.93
C ALA A 249 10.57 -29.75 -0.36
N ILE A 250 11.64 -28.97 -0.36
CA ILE A 250 11.98 -28.17 -1.53
C ILE A 250 12.33 -29.07 -2.71
N GLU A 251 13.15 -30.09 -2.48
CA GLU A 251 13.54 -30.96 -3.59
C GLU A 251 12.33 -31.68 -4.16
N ARG A 252 11.39 -32.08 -3.31
CA ARG A 252 10.23 -32.83 -3.75
C ARG A 252 9.29 -32.02 -4.63
N THR A 253 9.34 -30.68 -4.59
CA THR A 253 8.59 -29.90 -5.57
C THR A 253 9.13 -30.04 -6.98
N HIS A 254 10.26 -30.72 -7.16
CA HIS A 254 10.82 -30.99 -8.49
C HIS A 254 10.38 -32.34 -9.04
N THR A 255 9.47 -33.03 -8.35
CA THR A 255 8.94 -34.29 -8.82
C THR A 255 8.13 -34.07 -10.11
N GLY A 256 8.39 -34.87 -11.13
CA GLY A 256 7.71 -34.72 -12.41
C GLY A 256 6.44 -35.55 -12.47
N TYR A 257 5.28 -34.91 -12.59
CA TYR A 257 3.98 -35.59 -12.52
C TYR A 257 3.27 -35.76 -13.84
N PHE A 258 3.37 -34.79 -14.76
CA PHE A 258 2.67 -34.84 -16.03
C PHE A 258 3.57 -34.38 -17.16
N ARG A 259 3.39 -34.98 -18.34
CA ARG A 259 3.79 -34.34 -19.58
C ARG A 259 2.63 -33.52 -20.11
N ALA A 260 2.91 -32.31 -20.59
CA ALA A 260 1.94 -31.53 -21.34
C ALA A 260 2.67 -30.91 -22.51
N GLY A 261 2.41 -31.40 -23.72
CA GLY A 261 3.21 -31.05 -24.86
C GLY A 261 4.70 -31.21 -24.56
N PRO A 262 5.46 -30.14 -24.79
CA PRO A 262 6.92 -30.20 -24.55
C PRO A 262 7.30 -30.07 -23.09
N LEU A 263 6.35 -29.73 -22.24
CA LEU A 263 6.58 -29.32 -20.88
C LEU A 263 6.37 -30.49 -19.93
N THR A 264 7.14 -30.52 -18.86
CA THR A 264 6.91 -31.46 -17.77
C THR A 264 6.50 -30.64 -16.54
N GLN A 265 5.39 -31.02 -15.93
CA GLN A 265 4.79 -30.29 -14.83
C GLN A 265 5.17 -30.94 -13.51
N ASP A 266 5.91 -30.20 -12.67
CA ASP A 266 6.23 -30.62 -11.32
C ASP A 266 5.15 -30.06 -10.38
N LEU A 267 5.46 -29.88 -9.10
CA LEU A 267 4.51 -29.17 -8.24
C LEU A 267 4.76 -27.68 -8.48
N ILE A 268 3.93 -27.11 -9.35
CA ILE A 268 4.01 -25.73 -9.82
C ILE A 268 5.22 -25.50 -10.72
N TRP A 269 6.42 -25.91 -10.29
CA TRP A 269 7.58 -25.81 -11.16
C TRP A 269 7.34 -26.55 -12.47
N GLU A 270 8.02 -26.11 -13.52
CA GLU A 270 7.96 -26.72 -14.84
C GLU A 270 9.38 -27.00 -15.30
N GLN A 271 9.62 -28.13 -15.95
CA GLN A 271 10.99 -28.54 -16.20
C GLN A 271 11.13 -29.23 -17.54
N TYR A 272 12.38 -29.34 -17.97
CA TYR A 272 12.77 -29.92 -19.26
C TYR A 272 14.08 -30.66 -19.04
N PRO A 273 14.34 -31.73 -19.79
CA PRO A 273 15.65 -32.38 -19.68
C PRO A 273 16.77 -31.40 -19.98
N TYR A 274 17.86 -31.52 -19.24
CA TYR A 274 19.04 -30.70 -19.51
C TYR A 274 20.18 -31.58 -20.01
N PRO A 275 20.91 -31.13 -21.05
CA PRO A 275 20.82 -29.86 -21.80
C PRO A 275 19.53 -29.69 -22.59
N VAL A 276 19.10 -28.44 -22.81
CA VAL A 276 17.79 -28.14 -23.39
C VAL A 276 17.97 -27.22 -24.58
N ALA A 277 17.30 -27.54 -25.69
CA ALA A 277 17.34 -26.69 -26.88
C ALA A 277 16.37 -25.53 -26.72
N LEU A 278 16.75 -24.36 -27.23
CA LEU A 278 15.88 -23.20 -27.09
C LEU A 278 14.46 -23.44 -27.62
N PRO A 279 14.25 -24.04 -28.80
CA PRO A 279 12.87 -24.30 -29.23
C PRO A 279 12.06 -25.06 -28.19
N THR A 280 12.70 -25.90 -27.38
CA THR A 280 11.97 -26.60 -26.33
C THR A 280 11.42 -25.63 -25.30
N LEU A 281 12.22 -24.65 -24.90
CA LEU A 281 11.79 -23.67 -23.92
C LEU A 281 10.76 -22.72 -24.50
N LEU A 282 10.98 -22.28 -25.74
CA LEU A 282 10.01 -21.39 -26.37
C LEU A 282 8.65 -22.05 -26.47
N ALA A 283 8.62 -23.33 -26.89
CA ALA A 283 7.36 -24.03 -27.04
C ALA A 283 6.68 -24.23 -25.68
N GLY A 284 7.47 -24.53 -24.64
CA GLY A 284 6.91 -24.74 -23.33
C GLY A 284 6.42 -23.48 -22.66
N ASN A 285 7.01 -22.33 -22.99
CA ASN A 285 6.56 -21.05 -22.45
C ASN A 285 5.67 -20.29 -23.43
N ALA A 286 5.18 -20.95 -24.47
CA ALA A 286 4.39 -20.30 -25.49
C ALA A 286 2.99 -20.00 -24.97
N PRO A 287 2.33 -18.99 -25.56
CA PRO A 287 0.94 -18.67 -25.15
C PRO A 287 -0.01 -19.85 -25.14
N LYS A 288 0.16 -20.81 -26.07
CA LYS A 288 -0.68 -22.00 -26.09
C LYS A 288 -0.66 -22.72 -24.75
N MSE A 289 0.50 -22.77 -24.11
CA MSE A 289 0.61 -23.43 -22.81
C MSE A 289 -0.19 -22.65 -21.78
O MSE A 289 -0.87 -23.24 -20.94
CB MSE A 289 2.08 -23.53 -22.39
CG MSE A 289 2.90 -24.45 -23.24
SE MSE A 289 2.14 -26.23 -23.27
CE MSE A 289 1.97 -26.53 -21.37
N LEU A 290 -0.13 -21.33 -21.88
CA LEU A 290 -0.68 -20.47 -20.85
C LEU A 290 -2.20 -20.42 -20.87
N PHE A 291 -2.83 -20.53 -22.04
CA PHE A 291 -4.25 -20.28 -22.15
C PHE A 291 -5.10 -21.48 -22.57
N ASP A 292 -4.49 -22.50 -23.17
CA ASP A 292 -5.25 -23.63 -23.68
C ASP A 292 -5.30 -24.75 -22.64
N ALA A 293 -6.21 -25.71 -22.87
CA ALA A 293 -6.37 -26.90 -22.03
C ALA A 293 -5.63 -28.04 -22.70
N VAL A 294 -4.34 -28.14 -22.40
CA VAL A 294 -3.46 -29.11 -23.06
C VAL A 294 -3.71 -30.49 -22.45
N PRO A 295 -3.87 -31.53 -23.27
CA PRO A 295 -3.91 -32.89 -22.71
C PRO A 295 -2.63 -33.20 -21.95
N ALA A 296 -2.78 -33.78 -20.78
CA ALA A 296 -1.67 -34.01 -19.86
C ALA A 296 -1.62 -35.49 -19.52
N SER A 297 -0.50 -36.14 -19.80
CA SER A 297 -0.37 -37.56 -19.51
C SER A 297 0.40 -37.74 -18.21
N ALA A 298 -0.19 -38.51 -17.29
CA ALA A 298 0.45 -38.75 -16.01
C ALA A 298 1.71 -39.57 -16.19
N ILE A 299 2.75 -39.20 -15.45
CA ILE A 299 4.00 -39.96 -15.41
C ILE A 299 3.90 -40.93 -14.23
N GLN A 300 4.06 -42.22 -14.53
CA GLN A 300 3.89 -43.29 -13.53
C GLN A 300 5.08 -44.27 -13.61
N PRO A 301 5.92 -44.30 -12.58
CA PRO A 301 5.87 -43.48 -11.36
C PRO A 301 6.36 -42.08 -11.66
N PRO A 302 5.96 -41.10 -10.86
CA PRO A 302 6.40 -39.72 -11.10
C PRO A 302 7.92 -39.66 -11.16
N LEU A 303 8.44 -38.72 -11.94
CA LEU A 303 9.88 -38.57 -12.04
C LEU A 303 10.45 -38.12 -10.70
N ALA A 304 11.44 -38.83 -10.22
CA ALA A 304 12.20 -38.33 -9.08
C ALA A 304 12.78 -36.98 -9.45
N PRO A 305 12.87 -36.04 -8.50
CA PRO A 305 13.68 -34.84 -8.72
C PRO A 305 15.01 -35.21 -9.37
N ASN A 306 15.43 -34.42 -10.34
CA ASN A 306 16.52 -34.78 -11.24
C ASN A 306 17.40 -33.57 -11.45
N PRO A 307 18.66 -33.61 -11.01
CA PRO A 307 19.52 -32.42 -11.16
C PRO A 307 19.76 -32.05 -12.61
N ALA A 308 19.72 -33.02 -13.53
CA ALA A 308 20.01 -32.75 -14.93
C ALA A 308 18.78 -32.20 -15.66
N THR A 309 18.19 -31.13 -15.14
CA THR A 309 17.00 -30.54 -15.74
C THR A 309 17.12 -29.03 -15.76
N TRP A 310 16.34 -28.42 -16.65
CA TRP A 310 16.12 -26.98 -16.67
C TRP A 310 14.76 -26.75 -16.01
N ILE A 311 14.77 -26.13 -14.83
CA ILE A 311 13.58 -25.90 -14.03
C ILE A 311 13.29 -24.42 -14.08
N ASN A 312 12.04 -24.05 -14.38
CA ASN A 312 11.72 -22.62 -14.51
C ASN A 312 10.28 -22.34 -14.11
N LYS A 313 9.97 -21.04 -14.03
CA LYS A 313 8.62 -20.56 -13.81
C LYS A 313 8.54 -19.11 -14.22
N THR A 314 7.46 -18.75 -14.91
CA THR A 314 7.17 -17.37 -15.29
C THR A 314 6.18 -16.73 -14.32
N GLY A 315 6.19 -15.40 -14.28
CA GLY A 315 5.22 -14.64 -13.53
C GLY A 315 4.90 -13.32 -14.19
N SER A 316 3.61 -12.96 -14.25
CA SER A 316 3.20 -11.71 -14.89
C SER A 316 2.03 -11.12 -14.13
N THR A 317 2.23 -9.93 -13.57
CA THR A 317 1.13 -9.11 -13.09
C THR A 317 0.91 -7.95 -14.07
N GLY A 318 -0.09 -7.12 -13.74
CA GLY A 318 -0.43 -6.02 -14.62
C GLY A 318 0.74 -5.08 -14.90
N GLY A 319 1.68 -4.97 -13.95
CA GLY A 319 2.76 -4.02 -14.10
C GLY A 319 4.16 -4.59 -14.07
N PHE A 320 4.30 -5.90 -13.82
CA PHE A 320 5.61 -6.50 -13.56
C PHE A 320 5.81 -7.78 -14.39
N SER A 321 7.08 -8.12 -14.62
CA SER A 321 7.45 -9.33 -15.35
C SER A 321 8.56 -10.06 -14.61
N THR A 322 8.39 -11.37 -14.43
CA THR A 322 9.30 -12.20 -13.65
C THR A 322 9.66 -13.46 -14.43
N TYR A 323 10.89 -13.94 -14.25
CA TYR A 323 11.31 -15.23 -14.77
C TYR A 323 12.35 -15.81 -13.84
N VAL A 324 12.27 -17.13 -13.62
CA VAL A 324 13.18 -17.86 -12.77
C VAL A 324 13.58 -19.14 -13.49
N ALA A 325 14.87 -19.43 -13.56
CA ALA A 325 15.32 -20.66 -14.20
C ALA A 325 16.64 -21.11 -13.59
N PHE A 326 16.79 -22.42 -13.39
CA PHE A 326 18.04 -22.90 -12.80
C PHE A 326 18.27 -24.35 -13.20
N VAL A 327 19.52 -24.79 -13.04
CA VAL A 327 19.95 -26.13 -13.43
C VAL A 327 20.70 -26.72 -12.25
N PRO A 328 20.05 -27.52 -11.39
CA PRO A 328 20.74 -28.01 -10.18
C PRO A 328 22.08 -28.70 -10.45
N ALA A 329 22.17 -29.51 -11.50
CA ALA A 329 23.41 -30.24 -11.76
C ALA A 329 24.56 -29.30 -12.07
N LYS A 330 24.28 -28.16 -12.69
CA LYS A 330 25.32 -27.20 -13.07
C LYS A 330 25.51 -26.09 -12.06
N ARG A 331 24.65 -26.00 -11.04
CA ARG A 331 24.82 -25.06 -9.94
C ARG A 331 24.75 -23.61 -10.41
N ILE A 332 23.89 -23.35 -11.41
CA ILE A 332 23.69 -22.01 -11.94
C ILE A 332 22.20 -21.68 -11.93
N GLY A 333 21.88 -20.39 -11.96
CA GLY A 333 20.50 -19.96 -12.02
C GLY A 333 20.38 -18.47 -12.25
N ILE A 334 19.18 -18.05 -12.68
CA ILE A 334 18.89 -16.65 -12.96
C ILE A 334 17.53 -16.28 -12.38
N VAL A 335 17.43 -15.03 -11.90
CA VAL A 335 16.18 -14.42 -11.49
C VAL A 335 16.05 -13.10 -12.24
N MSE A 336 14.92 -12.88 -12.89
CA MSE A 336 14.71 -11.62 -13.61
C MSE A 336 13.45 -10.93 -13.14
O MSE A 336 12.37 -11.48 -13.26
CB MSE A 336 14.64 -11.86 -15.11
CG MSE A 336 15.85 -12.55 -15.69
SE MSE A 336 15.59 -13.12 -17.56
CE MSE A 336 14.84 -11.48 -18.27
N LEU A 337 13.58 -9.73 -12.60
CA LEU A 337 12.44 -8.96 -12.11
C LEU A 337 12.40 -7.64 -12.84
N ALA A 338 11.24 -7.29 -13.38
CA ALA A 338 11.08 -6.06 -14.12
C ALA A 338 9.76 -5.41 -13.74
N ASN A 339 9.78 -4.09 -13.54
CA ASN A 339 8.54 -3.38 -13.26
C ASN A 339 7.88 -2.87 -14.54
N GLY A 340 7.87 -3.70 -15.57
CA GLY A 340 7.14 -3.43 -16.80
C GLY A 340 6.83 -4.75 -17.46
N ASN A 341 6.16 -4.66 -18.61
CA ASN A 341 5.69 -5.84 -19.33
C ASN A 341 6.76 -6.30 -20.31
N VAL A 342 7.30 -7.49 -20.08
CA VAL A 342 8.31 -8.09 -20.94
C VAL A 342 7.73 -9.38 -21.51
N PRO A 343 7.74 -9.58 -22.82
CA PRO A 343 7.20 -10.82 -23.38
C PRO A 343 7.92 -12.02 -22.78
N ILE A 344 7.13 -13.03 -22.43
CA ILE A 344 7.66 -14.22 -21.77
C ILE A 344 8.82 -14.81 -22.55
N GLU A 345 8.66 -14.98 -23.87
CA GLU A 345 9.71 -15.60 -24.65
C GLU A 345 10.98 -14.75 -24.66
N GLU A 346 10.86 -13.43 -24.49
CA GLU A 346 12.06 -12.60 -24.42
C GLU A 346 12.79 -12.76 -23.09
N ARG A 347 12.05 -13.00 -21.99
CA ARG A 347 12.71 -13.38 -20.75
C ARG A 347 13.42 -14.72 -20.92
N VAL A 348 12.77 -15.65 -21.63
CA VAL A 348 13.35 -16.97 -21.83
C VAL A 348 14.63 -16.87 -22.63
N LYS A 349 14.62 -16.10 -23.73
CA LYS A 349 15.78 -16.00 -24.59
C LYS A 349 16.97 -15.40 -23.87
N ALA A 350 16.74 -14.36 -23.07
CA ALA A 350 17.83 -13.72 -22.35
C ALA A 350 18.41 -14.65 -21.30
N ALA A 351 17.57 -15.35 -20.55
CA ALA A 351 18.06 -16.32 -19.58
C ALA A 351 18.88 -17.40 -20.25
N TYR A 352 18.40 -17.91 -21.38
CA TYR A 352 19.11 -18.96 -22.10
C TYR A 352 20.47 -18.48 -22.57
N ARG A 353 20.54 -17.27 -23.11
CA ARG A 353 21.82 -16.72 -23.53
C ARG A 353 22.72 -16.46 -22.34
N ILE A 354 22.18 -15.80 -21.29
CA ILE A 354 22.99 -15.50 -20.11
C ILE A 354 23.51 -16.79 -19.48
N LEU A 355 22.61 -17.71 -19.15
CA LEU A 355 23.06 -18.95 -18.53
C LEU A 355 23.99 -19.74 -19.44
N GLY A 356 23.78 -19.68 -20.75
CA GLY A 356 24.71 -20.30 -21.68
C GLY A 356 26.10 -19.70 -21.65
N SER A 357 26.24 -18.49 -21.11
CA SER A 357 27.56 -17.88 -20.98
C SER A 357 28.37 -18.49 -19.85
N LEU A 358 27.70 -19.05 -18.85
CA LEU A 358 28.37 -19.57 -17.66
C LEU A 358 28.92 -20.98 -17.90
N ASN B 2 -35.54 16.86 0.51
CA ASN B 2 -34.42 17.35 1.31
C ASN B 2 -33.09 16.86 0.75
N ALA B 3 -32.85 15.55 0.90
CA ALA B 3 -31.59 14.97 0.45
C ALA B 3 -31.34 15.23 -1.03
N ASP B 4 -32.41 15.42 -1.82
CA ASP B 4 -32.24 15.72 -3.23
C ASP B 4 -32.02 17.20 -3.46
N ASP B 5 -32.83 18.03 -2.80
CA ASP B 5 -32.59 19.48 -2.85
C ASP B 5 -31.19 19.81 -2.38
N LEU B 6 -30.71 19.10 -1.36
CA LEU B 6 -29.35 19.31 -0.87
C LEU B 6 -28.32 18.82 -1.89
N ARG B 7 -28.54 17.63 -2.45
CA ARG B 7 -27.61 17.12 -3.45
C ARG B 7 -27.50 18.07 -4.63
N ASP B 8 -28.64 18.59 -5.11
CA ASP B 8 -28.60 19.50 -6.25
C ASP B 8 -27.85 20.78 -5.90
N THR B 9 -28.03 21.28 -4.68
CA THR B 9 -27.25 22.44 -4.23
C THR B 9 -25.76 22.13 -4.29
N VAL B 10 -25.36 20.98 -3.73
CA VAL B 10 -23.95 20.58 -3.75
C VAL B 10 -23.48 20.37 -5.18
N THR B 11 -24.26 19.62 -5.96
CA THR B 11 -23.85 19.30 -7.33
C THR B 11 -23.68 20.57 -8.16
N ARG B 12 -24.52 21.58 -7.94
CA ARG B 12 -24.47 22.80 -8.74
C ARG B 12 -23.11 23.47 -8.66
N GLN B 13 -22.42 23.34 -7.52
CA GLN B 13 -21.09 23.92 -7.35
C GLN B 13 -19.97 22.92 -7.62
N ILE B 14 -20.18 21.64 -7.27
CA ILE B 14 -19.10 20.67 -7.35
C ILE B 14 -18.83 20.26 -8.80
N ALA B 15 -19.89 19.93 -9.54
CA ALA B 15 -19.70 19.47 -10.91
C ALA B 15 -18.96 20.47 -11.78
N PRO B 16 -19.25 21.77 -11.75
CA PRO B 16 -18.41 22.71 -12.52
C PRO B 16 -16.97 22.70 -12.05
N LEU B 17 -16.73 22.56 -10.76
CA LEU B 17 -15.37 22.49 -10.26
C LEU B 17 -14.62 21.30 -10.85
N MSE B 18 -15.18 20.10 -10.70
CA MSE B 18 -14.55 18.88 -11.18
C MSE B 18 -14.30 18.94 -12.66
O MSE B 18 -13.25 18.51 -13.15
CB MSE B 18 -15.42 17.67 -10.85
CG MSE B 18 -15.64 17.44 -9.39
SE MSE B 18 -16.81 15.93 -9.09
CE MSE B 18 -15.70 14.51 -9.83
N LYS B 19 -15.27 19.48 -13.39
CA LYS B 19 -15.11 19.61 -14.82
C LYS B 19 -13.97 20.56 -15.15
N GLN B 20 -14.02 21.77 -14.61
CA GLN B 20 -13.04 22.80 -14.95
C GLN B 20 -11.62 22.38 -14.59
N TYR B 21 -11.46 21.62 -13.50
CA TYR B 21 -10.16 21.19 -13.05
C TYR B 21 -9.90 19.71 -13.28
N ALA B 22 -10.79 19.03 -14.00
CA ALA B 22 -10.56 17.65 -14.45
C ALA B 22 -10.33 16.72 -13.26
N ILE B 23 -11.19 16.82 -12.26
CA ILE B 23 -11.05 16.05 -11.02
C ILE B 23 -11.82 14.74 -11.20
N PRO B 24 -11.15 13.59 -11.14
CA PRO B 24 -11.87 12.32 -11.42
C PRO B 24 -12.92 11.98 -10.37
N GLY B 25 -12.58 12.08 -9.08
CA GLY B 25 -13.53 11.78 -8.04
C GLY B 25 -13.50 12.73 -6.86
N MSE B 26 -14.67 12.96 -6.28
CA MSE B 26 -14.82 13.77 -5.06
C MSE B 26 -15.85 13.17 -4.12
O MSE B 26 -16.76 12.46 -4.54
CB MSE B 26 -15.19 15.21 -5.40
CG MSE B 26 -14.12 16.01 -6.13
SE MSE B 26 -14.47 17.92 -6.08
CE MSE B 26 -14.16 18.27 -4.18
N ALA B 27 -15.72 13.46 -2.83
CA ALA B 27 -16.73 13.12 -1.84
C ALA B 27 -16.97 14.35 -1.00
N ILE B 28 -18.25 14.71 -0.83
CA ILE B 28 -18.65 15.93 -0.15
C ILE B 28 -19.49 15.55 1.03
N GLY B 29 -19.03 15.89 2.23
CA GLY B 29 -19.82 15.75 3.44
C GLY B 29 -20.45 17.09 3.81
N ILE B 30 -21.70 17.04 4.27
CA ILE B 30 -22.46 18.23 4.63
C ILE B 30 -23.15 17.96 5.97
N VAL B 31 -23.07 18.91 6.89
CA VAL B 31 -23.92 18.95 8.07
C VAL B 31 -24.94 20.07 7.85
N ALA B 32 -26.22 19.71 7.93
CA ALA B 32 -27.32 20.64 7.66
C ALA B 32 -28.38 20.40 8.72
N ASP B 33 -28.31 21.18 9.80
CA ASP B 33 -29.23 21.08 10.92
C ASP B 33 -29.24 19.66 11.49
N GLY B 34 -28.11 19.31 12.11
CA GLY B 34 -28.00 18.07 12.84
C GLY B 34 -28.11 16.80 12.01
N LYS B 35 -28.02 16.91 10.69
CA LYS B 35 -28.10 15.75 9.82
C LYS B 35 -26.84 15.68 8.98
N PRO B 36 -26.07 14.61 9.06
CA PRO B 36 -24.94 14.44 8.14
C PRO B 36 -25.36 13.80 6.83
N TYR B 37 -24.77 14.29 5.74
CA TYR B 37 -25.02 13.78 4.40
C TYR B 37 -23.69 13.65 3.69
N VAL B 38 -23.56 12.61 2.87
CA VAL B 38 -22.37 12.44 2.05
C VAL B 38 -22.83 12.22 0.61
N PHE B 39 -22.22 12.96 -0.32
CA PHE B 39 -22.52 12.88 -1.74
C PHE B 39 -21.24 12.55 -2.49
N ASP B 40 -21.22 11.42 -3.17
CA ASP B 40 -20.03 10.96 -3.89
C ASP B 40 -20.18 11.27 -5.37
N TYR B 41 -19.07 11.64 -6.00
CA TYR B 41 -19.04 12.05 -7.40
C TYR B 41 -17.88 11.37 -8.12
N GLY B 42 -18.16 10.79 -9.27
CA GLY B 42 -17.05 10.41 -10.12
C GLY B 42 -16.33 9.17 -9.65
N VAL B 43 -15.04 9.10 -9.99
CA VAL B 43 -14.30 7.84 -9.99
C VAL B 43 -13.02 7.97 -9.17
N MSE B 44 -12.54 6.82 -8.70
CA MSE B 44 -11.31 6.74 -7.93
C MSE B 44 -10.08 6.74 -8.82
O MSE B 44 -9.02 7.20 -8.40
CB MSE B 44 -11.30 5.48 -7.07
CG MSE B 44 -12.44 5.37 -6.10
SE MSE B 44 -12.48 3.60 -5.31
CE MSE B 44 -10.59 3.45 -4.83
N SER B 45 -10.23 6.21 -10.04
CA SER B 45 -9.12 6.15 -10.98
C SER B 45 -9.65 6.28 -12.41
N LYS B 46 -8.85 6.89 -13.28
CA LYS B 46 -9.26 7.06 -14.66
C LYS B 46 -9.14 5.75 -15.45
N GLN B 47 -8.22 4.88 -15.04
CA GLN B 47 -7.95 3.66 -15.79
C GLN B 47 -8.96 2.57 -15.48
N THR B 48 -9.56 2.59 -14.30
CA THR B 48 -10.49 1.55 -13.87
C THR B 48 -11.95 2.00 -13.84
N GLY B 49 -12.22 3.26 -13.55
CA GLY B 49 -13.60 3.71 -13.56
C GLY B 49 -14.41 3.24 -12.37
N LYS B 50 -13.75 2.76 -11.33
CA LYS B 50 -14.45 2.41 -10.11
C LYS B 50 -14.94 3.69 -9.43
N PRO B 51 -16.23 3.80 -9.11
CA PRO B 51 -16.75 5.05 -8.57
C PRO B 51 -16.27 5.29 -7.14
N VAL B 52 -16.24 6.57 -6.78
CA VAL B 52 -16.08 6.92 -5.38
C VAL B 52 -17.29 6.41 -4.63
N THR B 53 -17.07 5.79 -3.49
CA THR B 53 -18.13 5.25 -2.66
C THR B 53 -17.92 5.73 -1.23
N GLY B 54 -18.81 5.32 -0.34
CA GLY B 54 -18.66 5.67 1.06
C GLY B 54 -17.36 5.18 1.68
N ASP B 55 -16.74 4.16 1.10
CA ASP B 55 -15.51 3.58 1.61
C ASP B 55 -14.25 4.18 1.03
N THR B 56 -14.36 4.99 -0.03
CA THR B 56 -13.19 5.51 -0.71
C THR B 56 -12.34 6.36 0.22
N LEU B 57 -11.06 6.04 0.30
CA LEU B 57 -10.12 6.79 1.13
C LEU B 57 -9.44 7.87 0.30
N PHE B 58 -9.28 9.04 0.90
CA PHE B 58 -8.56 10.16 0.32
C PHE B 58 -7.44 10.60 1.26
N GLU B 59 -6.36 11.11 0.68
CA GLU B 59 -5.33 11.80 1.44
C GLU B 59 -5.84 13.19 1.84
N ILE B 60 -5.72 13.53 3.13
CA ILE B 60 -6.18 14.83 3.61
C ILE B 60 -5.04 15.78 3.96
N GLY B 61 -3.80 15.34 3.85
CA GLY B 61 -2.69 16.27 4.01
C GLY B 61 -2.67 16.91 5.38
N SER B 62 -2.44 18.23 5.42
N SER B 62 -2.47 18.24 5.39
CA SER B 62 -2.28 18.90 6.70
CA SER B 62 -2.30 18.99 6.63
C SER B 62 -3.57 19.01 7.50
C SER B 62 -3.55 18.97 7.49
N VAL B 63 -4.71 18.57 6.95
CA VAL B 63 -5.89 18.45 7.80
C VAL B 63 -5.69 17.33 8.82
N SER B 64 -4.74 16.41 8.56
CA SER B 64 -4.33 15.44 9.57
C SER B 64 -3.92 16.13 10.86
N LYS B 65 -3.44 17.36 10.78
CA LYS B 65 -2.92 18.03 11.97
C LYS B 65 -4.02 18.49 12.93
N THR B 66 -5.24 18.71 12.45
CA THR B 66 -6.31 19.01 13.39
C THR B 66 -6.62 17.82 14.28
N LEU B 67 -6.44 16.60 13.75
CA LEU B 67 -6.57 15.41 14.59
C LEU B 67 -5.39 15.31 15.55
N THR B 68 -4.18 15.52 15.04
CA THR B 68 -3.00 15.61 15.91
C THR B 68 -3.20 16.67 17.00
N ALA B 69 -3.74 17.84 16.64
CA ALA B 69 -3.97 18.89 17.63
C ALA B 69 -4.99 18.45 18.67
N THR B 70 -6.01 17.69 18.26
CA THR B 70 -6.99 17.20 19.21
C THR B 70 -6.33 16.24 20.20
N LEU B 71 -5.45 15.38 19.71
CA LEU B 71 -4.68 14.50 20.59
C LEU B 71 -3.88 15.30 21.61
N ALA B 72 -3.22 16.37 21.16
CA ALA B 72 -2.45 17.22 22.06
C ALA B 72 -3.34 17.87 23.09
N SER B 73 -4.49 18.40 22.64
CA SER B 73 -5.42 19.04 23.56
C SER B 73 -6.02 18.03 24.53
N ASP B 74 -6.18 16.77 24.09
CA ASP B 74 -6.69 15.76 25.01
C ASP B 74 -5.65 15.41 26.08
N ALA B 75 -4.37 15.36 25.70
CA ALA B 75 -3.32 15.19 26.70
C ALA B 75 -3.31 16.34 27.69
N GLN B 76 -3.52 17.56 27.21
CA GLN B 76 -3.55 18.71 28.11
C GLN B 76 -4.72 18.60 29.08
N GLU B 77 -5.88 18.15 28.59
CA GLU B 77 -7.06 18.01 29.45
C GLU B 77 -6.82 16.98 30.55
N GLY B 78 -6.09 15.92 30.24
CA GLY B 78 -5.80 14.92 31.24
C GLY B 78 -4.61 15.24 32.10
N GLY B 79 -3.95 16.37 31.86
CA GLY B 79 -2.78 16.74 32.63
C GLY B 79 -1.51 16.02 32.25
N GLU B 80 -1.43 15.48 31.03
CA GLU B 80 -0.21 14.79 30.61
C GLU B 80 0.81 15.73 30.02
N LEU B 81 0.39 16.90 29.56
CA LEU B 81 1.30 17.93 29.08
C LEU B 81 0.67 19.29 29.27
N SER B 82 1.50 20.32 29.13
CA SER B 82 1.03 21.68 28.97
C SER B 82 1.47 22.20 27.61
N LEU B 83 0.61 22.95 26.94
CA LEU B 83 0.99 23.46 25.63
C LEU B 83 2.15 24.44 25.72
N ALA B 84 2.44 24.97 26.89
CA ALA B 84 3.61 25.81 27.09
C ALA B 84 4.90 25.03 27.25
N ASP B 85 4.84 23.70 27.34
CA ASP B 85 6.04 22.90 27.57
C ASP B 85 7.05 23.13 26.45
N PRO B 86 8.34 23.30 26.78
CA PRO B 86 9.39 23.32 25.75
C PRO B 86 9.70 21.93 25.23
N ALA B 87 10.14 21.88 23.98
CA ALA B 87 10.48 20.60 23.37
C ALA B 87 11.56 19.88 24.15
N GLY B 88 12.49 20.63 24.75
CA GLY B 88 13.57 20.02 25.52
C GLY B 88 13.11 19.29 26.76
N LYS B 89 11.86 19.48 27.17
CA LYS B 89 11.33 18.67 28.27
C LYS B 89 11.11 17.23 27.84
N TYR B 90 10.80 17.00 26.58
CA TYR B 90 10.47 15.66 26.08
C TYR B 90 11.60 15.03 25.27
N LEU B 91 12.43 15.81 24.60
CA LEU B 91 13.65 15.33 23.95
C LEU B 91 14.83 16.02 24.63
N PRO B 92 15.23 15.56 25.81
CA PRO B 92 16.22 16.29 26.60
C PRO B 92 17.60 16.41 25.97
N GLU B 93 17.87 15.67 24.88
CA GLU B 93 19.11 15.92 24.14
C GLU B 93 19.11 17.27 23.44
N LEU B 94 17.97 17.95 23.36
CA LEU B 94 17.83 19.24 22.68
C LEU B 94 17.92 20.42 23.62
N GLN B 95 18.00 20.21 24.93
CA GLN B 95 18.19 21.34 25.84
C GLN B 95 19.54 21.99 25.58
N GLY B 96 19.55 23.33 25.62
CA GLY B 96 20.72 24.09 25.24
C GLY B 96 20.79 24.44 23.76
N LYS B 97 19.91 23.91 22.95
CA LYS B 97 19.83 24.19 21.54
C LYS B 97 18.61 25.04 21.25
N PRO B 98 18.59 25.74 20.11
CA PRO B 98 17.44 26.61 19.80
C PRO B 98 16.11 25.86 19.77
N PHE B 99 16.06 24.69 19.16
CA PHE B 99 14.77 24.02 19.06
C PHE B 99 14.24 23.58 20.41
N GLY B 100 15.13 23.33 21.38
CA GLY B 100 14.68 22.85 22.68
C GLY B 100 13.75 23.80 23.39
N VAL B 101 13.85 25.10 23.10
CA VAL B 101 12.97 26.10 23.73
C VAL B 101 11.65 26.27 23.00
N VAL B 102 11.46 25.63 21.84
CA VAL B 102 10.20 25.76 21.12
C VAL B 102 9.10 25.08 21.90
N THR B 103 7.96 25.74 22.05
CA THR B 103 6.85 25.18 22.82
C THR B 103 5.89 24.43 21.91
N LEU B 104 5.14 23.50 22.53
CA LEU B 104 4.12 22.77 21.78
C LEU B 104 3.07 23.71 21.20
N LEU B 105 2.73 24.77 21.94
CA LEU B 105 1.79 25.76 21.43
C LEU B 105 2.33 26.46 20.18
N GLN B 106 3.61 26.83 20.19
CA GLN B 106 4.21 27.46 19.02
C GLN B 106 4.21 26.51 17.83
N LEU B 107 4.48 25.22 18.05
CA LEU B 107 4.37 24.26 16.97
C LEU B 107 2.93 24.18 16.46
N GLY B 108 1.97 24.11 17.37
CA GLY B 108 0.57 24.02 16.99
C GLY B 108 0.01 25.25 16.33
N THR B 109 0.72 26.38 16.41
CA THR B 109 0.26 27.63 15.82
C THR B 109 1.13 28.08 14.65
N HIS B 110 2.09 27.26 14.23
CA HIS B 110 2.99 27.58 13.11
C HIS B 110 3.88 28.79 13.42
N THR B 111 4.20 29.00 14.71
CA THR B 111 5.13 30.09 15.02
C THR B 111 6.45 29.65 15.66
N PRO B 112 7.02 28.49 15.34
CA PRO B 112 8.33 28.16 15.96
C PRO B 112 9.47 29.06 15.49
N GLY B 113 9.30 29.80 14.40
CA GLY B 113 10.32 30.69 13.90
C GLY B 113 11.10 30.17 12.71
N GLY B 114 10.73 29.03 12.16
CA GLY B 114 11.40 28.51 10.97
C GLY B 114 10.78 27.21 10.56
N THR B 115 11.27 26.70 9.41
CA THR B 115 10.83 25.41 8.89
C THR B 115 11.96 24.70 8.14
N ARG B 124 18.40 10.24 9.49
CA ARG B 124 17.30 9.58 8.79
C ARG B 124 16.61 8.52 9.63
N ASP B 125 16.90 8.54 10.93
CA ASP B 125 16.20 7.69 11.89
C ASP B 125 15.76 8.60 13.04
N ASP B 126 15.54 8.02 14.21
CA ASP B 126 15.24 8.84 15.37
C ASP B 126 16.47 9.60 15.83
N ALA B 127 17.66 9.00 15.71
CA ALA B 127 18.89 9.70 16.07
C ALA B 127 19.21 10.82 15.09
N GLY B 128 18.89 10.64 13.80
CA GLY B 128 19.03 11.72 12.83
C GLY B 128 18.01 12.82 13.00
N LEU B 129 16.87 12.49 13.61
CA LEU B 129 15.92 13.53 14.00
C LEU B 129 16.53 14.48 15.01
N ILE B 130 17.10 13.92 16.08
CA ILE B 130 17.79 14.76 17.06
C ILE B 130 18.92 15.54 16.41
N ARG B 131 19.68 14.90 15.52
CA ARG B 131 20.75 15.59 14.82
C ARG B 131 20.22 16.75 14.00
N TYR B 132 19.13 16.53 13.25
CA TYR B 132 18.57 17.60 12.45
C TYR B 132 18.11 18.76 13.32
N LEU B 133 17.30 18.47 14.34
CA LEU B 133 16.83 19.52 15.24
C LEU B 133 17.97 20.19 15.98
N ASP B 134 19.04 19.44 16.27
CA ASP B 134 20.25 20.02 16.83
C ASP B 134 20.81 21.10 15.92
N ALA B 135 20.72 20.89 14.60
CA ALA B 135 21.20 21.83 13.60
C ALA B 135 20.27 23.02 13.40
N TRP B 136 19.05 22.94 13.90
CA TRP B 136 18.02 23.91 13.60
C TRP B 136 18.35 25.29 14.16
N ARG B 137 18.24 26.32 13.32
CA ARG B 137 18.39 27.71 13.76
C ARG B 137 17.22 28.50 13.21
N PRO B 138 16.47 29.24 14.04
CA PRO B 138 15.32 29.99 13.54
C PRO B 138 15.73 31.25 12.79
N ALA B 139 14.82 31.74 11.97
CA ALA B 139 14.93 33.06 11.37
C ALA B 139 14.30 34.12 12.24
N TYR B 140 13.18 33.79 12.88
CA TYR B 140 12.48 34.70 13.77
C TYR B 140 12.39 34.08 15.14
N ALA B 141 12.27 34.92 16.16
CA ALA B 141 12.04 34.42 17.50
C ALA B 141 10.73 33.63 17.53
N PRO B 142 10.68 32.51 18.24
CA PRO B 142 9.42 31.76 18.34
C PRO B 142 8.31 32.62 18.93
N GLY B 143 7.10 32.42 18.42
CA GLY B 143 5.95 33.17 18.89
C GLY B 143 5.77 34.52 18.27
N THR B 144 6.47 34.82 17.16
CA THR B 144 6.38 36.14 16.53
C THR B 144 5.96 36.11 15.07
N HIS B 145 6.23 35.03 14.33
CA HIS B 145 5.89 34.95 12.91
C HIS B 145 5.20 33.64 12.61
N ARG B 146 4.18 33.70 11.74
CA ARG B 146 3.46 32.50 11.32
C ARG B 146 3.93 32.11 9.93
N LYS B 147 4.52 30.92 9.82
CA LYS B 147 4.99 30.40 8.54
C LYS B 147 4.43 29.01 8.34
N TYR B 148 3.81 28.78 7.18
CA TYR B 148 3.40 27.43 6.80
C TYR B 148 4.40 26.84 5.83
N ILE B 153 4.47 20.42 14.19
CA ILE B 153 3.18 19.73 14.29
C ILE B 153 3.30 18.24 13.93
N GLY B 154 4.19 17.92 12.99
CA GLY B 154 4.82 16.61 13.02
C GLY B 154 5.53 16.43 14.33
N MSE B 155 6.20 17.48 14.79
CA MSE B 155 6.81 17.49 16.11
C MSE B 155 5.77 17.65 17.21
O MSE B 155 5.95 17.10 18.29
CB MSE B 155 7.86 18.59 16.20
CG MSE B 155 9.11 18.26 15.40
SE MSE B 155 9.88 16.50 15.87
CE MSE B 155 10.15 16.76 17.78
N LEU B 156 4.67 18.37 16.98
CA LEU B 156 3.62 18.41 18.00
C LEU B 156 3.09 17.01 18.27
N GLY B 157 2.81 16.26 17.21
CA GLY B 157 2.41 14.87 17.40
C GLY B 157 3.49 14.06 18.06
N TRP B 158 4.74 14.26 17.63
CA TRP B 158 5.85 13.51 18.20
C TRP B 158 5.99 13.76 19.70
N LEU B 159 5.95 15.03 20.09
CA LEU B 159 6.10 15.37 21.50
C LEU B 159 4.88 14.96 22.30
N THR B 160 3.68 15.03 21.71
CA THR B 160 2.48 14.58 22.41
C THR B 160 2.55 13.08 22.71
N ALA B 161 2.98 12.28 21.74
CA ALA B 161 3.14 10.85 21.99
C ALA B 161 4.19 10.60 23.07
N LYS B 162 5.24 11.41 23.11
CA LYS B 162 6.23 11.32 24.18
C LYS B 162 5.58 11.53 25.53
N ALA B 163 4.72 12.54 25.62
CA ALA B 163 4.05 12.86 26.87
C ALA B 163 3.02 11.80 27.25
N MSE B 164 2.38 11.16 26.27
CA MSE B 164 1.31 10.22 26.55
C MSE B 164 1.74 8.74 26.70
O MSE B 164 0.91 7.86 26.85
CB MSE B 164 0.24 10.31 25.46
CG MSE B 164 -0.43 11.68 25.39
SE MSE B 164 -1.87 11.74 24.09
CE MSE B 164 -3.29 10.90 25.17
N HIS B 165 3.06 8.51 26.64
CA HIS B 165 3.64 7.19 26.89
C HIS B 165 3.17 6.15 25.87
N GLN B 166 3.06 6.55 24.61
CA GLN B 166 2.57 5.61 23.61
C GLN B 166 3.14 5.96 22.23
N ASP B 167 3.18 4.93 21.37
CA ASP B 167 3.44 5.08 19.96
C ASP B 167 2.40 5.98 19.31
N PHE B 168 2.85 6.90 18.45
CA PHE B 168 1.97 7.95 17.95
C PHE B 168 0.82 7.38 17.10
N ALA B 169 1.14 6.54 16.10
CA ALA B 169 0.10 5.93 15.29
C ALA B 169 -0.89 5.16 16.16
N THR B 170 -0.38 4.47 17.20
CA THR B 170 -1.25 3.75 18.14
C THR B 170 -2.21 4.70 18.85
N LEU B 171 -1.71 5.81 19.38
CA LEU B 171 -2.57 6.81 19.98
C LEU B 171 -3.66 7.27 19.00
N MSE B 172 -3.28 7.58 17.77
CA MSE B 172 -4.26 7.98 16.77
C MSE B 172 -5.28 6.88 16.51
O MSE B 172 -6.48 7.10 16.62
CB MSE B 172 -3.56 8.37 15.48
CG MSE B 172 -2.64 9.54 15.63
SE MSE B 172 -3.57 11.21 16.07
CE MSE B 172 -4.00 11.80 14.27
N GLU B 173 -4.79 5.68 16.20
CA GLU B 173 -5.67 4.66 15.67
C GLU B 173 -6.40 3.87 16.76
N GLN B 174 -5.86 3.81 17.97
CA GLN B 174 -6.45 3.04 19.05
C GLN B 174 -7.08 3.89 20.15
N ARG B 175 -6.97 5.21 20.06
CA ARG B 175 -7.54 6.10 21.07
C ARG B 175 -8.41 7.15 20.42
N LEU B 176 -7.81 7.99 19.56
CA LEU B 176 -8.54 9.14 19.03
C LEU B 176 -9.60 8.72 18.01
N PHE B 177 -9.19 7.98 16.98
CA PHE B 177 -10.15 7.61 15.94
C PHE B 177 -11.35 6.85 16.50
N PRO B 178 -11.19 5.81 17.35
CA PRO B 178 -12.38 5.13 17.87
C PRO B 178 -13.26 6.04 18.72
N ALA B 179 -12.69 6.97 19.48
CA ALA B 179 -13.52 7.83 20.30
C ALA B 179 -14.34 8.82 19.50
N ILE B 180 -14.03 9.03 18.21
CA ILE B 180 -14.88 9.80 17.31
C ILE B 180 -15.78 8.92 16.47
N GLY B 181 -15.61 7.60 16.52
CA GLY B 181 -16.32 6.74 15.62
C GLY B 181 -15.84 6.82 14.18
N MSE B 182 -14.59 7.21 13.96
CA MSE B 182 -14.00 7.19 12.63
C MSE B 182 -13.40 5.81 12.34
O MSE B 182 -12.24 5.53 12.66
CB MSE B 182 -12.94 8.28 12.48
CG MSE B 182 -13.45 9.70 12.76
SE MSE B 182 -11.98 10.97 12.97
CE MSE B 182 -11.56 11.25 11.10
N THR B 183 -14.21 4.92 11.75
CA THR B 183 -13.85 3.53 11.55
C THR B 183 -13.08 3.28 10.26
N HIS B 184 -13.06 4.24 9.33
CA HIS B 184 -12.27 4.08 8.12
C HIS B 184 -11.24 5.21 7.98
N THR B 185 -10.52 5.47 9.06
CA THR B 185 -9.54 6.54 9.15
C THR B 185 -8.22 5.94 9.61
N TYR B 186 -7.14 6.25 8.90
CA TYR B 186 -5.89 5.49 9.03
C TYR B 186 -4.67 6.39 8.97
N ILE B 187 -3.71 6.12 9.85
CA ILE B 187 -2.34 6.58 9.67
C ILE B 187 -1.58 5.62 8.76
N ASN B 188 -1.71 4.33 9.03
CA ASN B 188 -1.17 3.26 8.20
C ASN B 188 -2.35 2.48 7.61
N VAL B 189 -2.50 2.53 6.29
CA VAL B 189 -3.64 1.90 5.65
C VAL B 189 -3.44 0.39 5.73
N PRO B 190 -4.38 -0.36 6.30
CA PRO B 190 -4.24 -1.82 6.35
C PRO B 190 -4.30 -2.43 4.96
N ALA B 191 -3.55 -3.52 4.78
CA ALA B 191 -3.46 -4.14 3.46
C ALA B 191 -4.83 -4.48 2.89
N ALA B 192 -5.79 -4.80 3.77
CA ALA B 192 -7.15 -5.09 3.31
C ALA B 192 -7.86 -3.86 2.78
N ARG B 193 -7.34 -2.66 3.07
CA ARG B 193 -7.99 -1.42 2.69
C ARG B 193 -7.36 -0.75 1.48
N MSE B 194 -6.22 -1.26 1.00
CA MSE B 194 -5.53 -0.64 -0.12
C MSE B 194 -6.44 -0.48 -1.33
O MSE B 194 -6.31 0.48 -2.08
CB MSE B 194 -4.29 -1.47 -0.50
CG MSE B 194 -3.18 -1.42 0.53
SE MSE B 194 -2.46 0.36 0.82
CE MSE B 194 -2.34 0.98 -1.04
N ALA B 195 -7.38 -1.42 -1.49
CA ALA B 195 -8.31 -1.37 -2.61
C ALA B 195 -9.21 -0.15 -2.57
N ASP B 196 -9.43 0.43 -1.39
CA ASP B 196 -10.25 1.62 -1.26
C ASP B 196 -9.48 2.91 -1.50
N TYR B 197 -8.15 2.84 -1.50
CA TYR B 197 -7.28 3.99 -1.69
C TYR B 197 -7.49 4.57 -3.08
N ALA B 198 -8.02 5.78 -3.16
CA ALA B 198 -8.24 6.40 -4.45
C ALA B 198 -6.91 6.78 -5.10
N GLN B 199 -6.94 6.95 -6.41
CA GLN B 199 -5.76 7.39 -7.15
C GLN B 199 -5.73 8.91 -7.21
N GLY B 200 -4.58 9.50 -6.83
CA GLY B 200 -4.41 10.94 -6.92
C GLY B 200 -3.94 11.39 -8.28
N TYR B 201 -4.07 12.69 -8.54
CA TYR B 201 -3.73 13.25 -9.84
C TYR B 201 -3.18 14.66 -9.69
N THR B 202 -2.01 14.90 -10.28
CA THR B 202 -1.37 16.19 -10.15
C THR B 202 -2.13 17.24 -10.97
N LYS B 203 -1.60 18.46 -11.00
CA LYS B 203 -2.15 19.47 -11.90
C LYS B 203 -2.02 19.01 -13.35
N ASP B 204 -0.95 18.28 -13.67
CA ASP B 204 -0.76 17.74 -15.01
C ASP B 204 -1.85 16.73 -15.38
N GLY B 205 -2.33 15.97 -14.40
CA GLY B 205 -3.12 14.80 -14.64
C GLY B 205 -2.35 13.51 -14.49
N LYS B 206 -1.08 13.59 -14.13
CA LYS B 206 -0.30 12.38 -13.93
C LYS B 206 -0.74 11.71 -12.63
N PRO B 207 -1.05 10.41 -12.67
CA PRO B 207 -1.48 9.74 -11.44
C PRO B 207 -0.33 9.64 -10.46
N VAL B 208 -0.66 9.79 -9.18
CA VAL B 208 0.34 9.83 -8.13
C VAL B 208 -0.33 9.43 -6.84
N ARG B 209 0.49 9.05 -5.84
CA ARG B 209 0.04 8.85 -4.47
C ARG B 209 1.17 9.23 -3.52
N MSE B 210 0.82 9.37 -2.26
CA MSE B 210 1.71 9.91 -1.22
C MSE B 210 3.01 9.18 -0.98
O MSE B 210 3.03 7.97 -0.86
CB MSE B 210 0.97 9.93 0.11
CG MSE B 210 0.79 11.28 0.70
SE MSE B 210 -0.13 11.01 2.37
CE MSE B 210 1.34 10.28 3.41
N THR B 211 4.10 9.95 -0.84
CA THR B 211 5.38 9.44 -0.36
C THR B 211 5.67 9.99 1.03
N GLU B 212 6.40 9.19 1.81
CA GLU B 212 6.58 9.46 3.24
C GLU B 212 7.96 10.09 3.46
N GLY B 213 7.95 11.34 3.92
CA GLY B 213 9.15 11.95 4.47
C GLY B 213 9.34 11.54 5.91
N MSE B 214 10.30 12.18 6.56
CA MSE B 214 10.53 11.91 7.97
C MSE B 214 9.42 12.55 8.82
O MSE B 214 8.99 13.68 8.54
CB MSE B 214 11.90 12.41 8.42
CG MSE B 214 12.61 11.47 9.40
SE MSE B 214 13.86 10.34 8.42
CE MSE B 214 14.76 11.75 7.44
N LEU B 215 8.94 11.81 9.81
CA LEU B 215 7.91 12.27 10.74
C LEU B 215 6.63 12.62 10.00
N TRP B 216 6.39 11.95 8.88
CA TRP B 216 5.25 12.27 8.03
C TRP B 216 3.92 12.10 8.77
N GLN B 217 3.80 11.03 9.55
CA GLN B 217 2.50 10.59 10.04
C GLN B 217 1.71 11.65 10.80
N PRO B 218 2.28 12.38 11.77
CA PRO B 218 1.48 13.42 12.44
C PRO B 218 1.11 14.57 11.54
N ALA B 219 1.94 14.88 10.54
CA ALA B 219 1.76 16.07 9.72
C ALA B 219 0.80 15.85 8.55
N TYR B 220 0.88 14.71 7.87
CA TYR B 220 0.01 14.47 6.71
C TYR B 220 -0.29 12.98 6.52
N GLY B 221 -0.37 12.23 7.60
CA GLY B 221 -0.49 10.79 7.52
C GLY B 221 -1.89 10.25 7.32
N VAL B 222 -2.93 11.04 7.59
CA VAL B 222 -4.28 10.47 7.71
C VAL B 222 -4.89 10.23 6.34
N ARG B 223 -5.36 9.01 6.13
CA ARG B 223 -6.20 8.63 5.00
C ARG B 223 -7.58 8.32 5.55
N THR B 224 -8.62 8.91 4.95
CA THR B 224 -9.94 8.86 5.57
C THR B 224 -11.01 9.04 4.51
N THR B 225 -12.26 8.76 4.91
CA THR B 225 -13.43 8.94 4.06
C THR B 225 -14.13 10.25 4.39
N ALA B 226 -15.05 10.64 3.52
CA ALA B 226 -15.83 11.84 3.79
C ALA B 226 -16.72 11.65 5.01
N ALA B 227 -17.38 10.48 5.13
CA ALA B 227 -18.26 10.25 6.27
C ALA B 227 -17.51 10.28 7.59
N ASP B 228 -16.23 9.85 7.59
CA ASP B 228 -15.45 9.88 8.81
C ASP B 228 -15.05 11.30 9.16
N LEU B 229 -14.52 12.04 8.19
CA LEU B 229 -14.10 13.41 8.45
C LEU B 229 -15.28 14.32 8.81
N LEU B 230 -16.45 14.05 8.23
CA LEU B 230 -17.64 14.82 8.58
C LEU B 230 -18.11 14.53 9.99
N ARG B 231 -17.95 13.28 10.43
CA ARG B 231 -18.27 12.97 11.82
C ARG B 231 -17.34 13.71 12.78
N PHE B 232 -16.07 13.84 12.42
CA PHE B 232 -15.14 14.63 13.24
C PHE B 232 -15.53 16.10 13.28
N VAL B 233 -15.98 16.65 12.15
CA VAL B 233 -16.55 17.99 12.15
C VAL B 233 -17.74 18.06 13.09
N GLN B 234 -18.59 17.03 13.08
CA GLN B 234 -19.72 17.00 13.99
C GLN B 234 -19.26 17.01 15.44
N ALA B 235 -18.19 16.29 15.74
CA ALA B 235 -17.62 16.34 17.09
C ALA B 235 -17.12 17.74 17.42
N ASN B 236 -16.67 18.49 16.41
CA ASN B 236 -16.22 19.86 16.58
C ASN B 236 -17.37 20.86 16.66
N MSE B 237 -18.60 20.37 16.79
CA MSE B 237 -19.72 21.24 17.09
C MSE B 237 -20.57 20.65 18.21
O MSE B 237 -21.72 21.04 18.39
CB MSE B 237 -20.55 21.50 15.84
CG MSE B 237 -19.83 22.43 14.88
SE MSE B 237 -20.82 22.87 13.29
CE MSE B 237 -20.87 21.10 12.44
N GLY B 238 -19.97 19.73 18.97
CA GLY B 238 -20.64 19.09 20.08
C GLY B 238 -21.81 18.22 19.70
N MSE B 239 -21.78 17.61 18.51
CA MSE B 239 -22.98 16.97 17.97
C MSE B 239 -23.10 15.46 18.08
O MSE B 239 -24.11 14.94 17.61
CB MSE B 239 -23.10 17.29 16.49
CG MSE B 239 -23.36 18.73 16.17
SE MSE B 239 -23.60 19.05 14.26
CE MSE B 239 -23.86 20.92 14.34
N ILE B 240 -22.14 14.75 18.65
CA ILE B 240 -22.24 13.29 18.56
C ILE B 240 -21.93 12.55 19.86
N HIS B 241 -22.12 13.20 21.01
CA HIS B 241 -21.97 12.53 22.31
C HIS B 241 -20.60 11.86 22.45
N THR B 242 -19.56 12.68 22.43
CA THR B 242 -18.23 12.20 22.75
C THR B 242 -18.03 12.26 24.27
N ALA B 243 -17.13 11.41 24.77
CA ALA B 243 -16.80 11.42 26.19
C ALA B 243 -16.34 12.81 26.60
N PRO B 244 -16.66 13.26 27.82
CA PRO B 244 -16.51 14.70 28.14
C PRO B 244 -15.09 15.25 28.11
N ARG B 245 -14.10 14.53 28.64
CA ARG B 245 -12.73 15.01 28.59
C ARG B 245 -12.30 15.29 27.15
N LEU B 246 -12.59 14.36 26.24
CA LEU B 246 -12.31 14.60 24.84
C LEU B 246 -13.11 15.78 24.29
N GLN B 247 -14.39 15.87 24.64
CA GLN B 247 -15.20 16.95 24.06
C GLN B 247 -14.64 18.31 24.44
N ARG B 248 -14.18 18.45 25.69
CA ARG B 248 -13.52 19.69 26.11
C ARG B 248 -12.21 19.90 25.36
N ALA B 249 -11.49 18.80 25.09
CA ALA B 249 -10.26 18.92 24.32
C ALA B 249 -10.54 19.43 22.91
N ILE B 250 -11.57 18.89 22.27
CA ILE B 250 -11.92 19.31 20.92
C ILE B 250 -12.28 20.79 20.91
N GLU B 251 -13.22 21.18 21.78
CA GLU B 251 -13.63 22.57 21.85
C GLU B 251 -12.44 23.48 22.13
N ARG B 252 -11.53 23.04 23.01
CA ARG B 252 -10.37 23.82 23.38
C ARG B 252 -9.40 24.03 22.21
N THR B 253 -9.42 23.18 21.17
CA THR B 253 -8.58 23.45 20.00
C THR B 253 -9.01 24.71 19.25
N HIS B 254 -10.23 25.20 19.48
CA HIS B 254 -10.70 26.40 18.82
C HIS B 254 -10.30 27.67 19.58
N THR B 255 -9.42 27.56 20.56
CA THR B 255 -8.88 28.75 21.21
C THR B 255 -8.03 29.53 20.22
N GLY B 256 -8.31 30.83 20.07
CA GLY B 256 -7.57 31.67 19.15
C GLY B 256 -6.34 32.29 19.79
N TYR B 257 -5.16 31.99 19.25
CA TYR B 257 -3.89 32.34 19.88
C TYR B 257 -3.14 33.48 19.21
N PHE B 258 -3.29 33.66 17.90
CA PHE B 258 -2.59 34.73 17.20
C PHE B 258 -3.46 35.31 16.11
N ARG B 259 -3.28 36.61 15.87
CA ARG B 259 -3.72 37.27 14.64
C ARG B 259 -2.55 37.26 13.66
N ALA B 260 -2.81 36.88 12.41
CA ALA B 260 -1.78 36.87 11.37
C ALA B 260 -2.45 37.32 10.07
N GLY B 261 -2.28 38.60 9.73
CA GLY B 261 -3.05 39.18 8.66
C GLY B 261 -4.54 39.10 8.99
N PRO B 262 -5.33 38.54 8.07
CA PRO B 262 -6.78 38.42 8.30
C PRO B 262 -7.17 37.17 9.07
N LEU B 263 -6.23 36.27 9.30
CA LEU B 263 -6.46 34.96 9.86
C LEU B 263 -6.30 35.01 11.36
N THR B 264 -7.04 34.15 12.05
CA THR B 264 -6.84 33.93 13.47
C THR B 264 -6.44 32.48 13.67
N GLN B 265 -5.25 32.27 14.22
CA GLN B 265 -4.66 30.94 14.35
C GLN B 265 -5.06 30.34 15.69
N ASP B 266 -5.85 29.26 15.63
CA ASP B 266 -6.18 28.45 16.80
C ASP B 266 -5.10 27.36 16.97
N LEU B 267 -5.44 26.27 17.64
CA LEU B 267 -4.55 25.12 17.64
C LEU B 267 -4.78 24.37 16.33
N ILE B 268 -3.95 24.69 15.34
CA ILE B 268 -4.01 24.24 13.96
C ILE B 268 -5.23 24.82 13.23
N TRP B 269 -6.42 24.70 13.80
CA TRP B 269 -7.59 25.29 13.16
C TRP B 269 -7.37 26.80 12.93
N GLU B 270 -7.93 27.30 11.83
CA GLU B 270 -7.93 28.72 11.52
C GLU B 270 -9.37 29.23 11.52
N GLN B 271 -9.59 30.46 11.99
CA GLN B 271 -10.97 30.91 12.17
C GLN B 271 -11.14 32.39 11.84
N TYR B 272 -12.40 32.75 11.63
CA TYR B 272 -12.87 34.08 11.27
C TYR B 272 -14.16 34.35 12.03
N PRO B 273 -14.47 35.60 12.32
CA PRO B 273 -15.78 35.91 12.90
C PRO B 273 -16.89 35.51 11.96
N TYR B 274 -17.98 35.02 12.53
CA TYR B 274 -19.19 34.77 11.76
C TYR B 274 -20.31 35.70 12.25
N PRO B 275 -21.10 36.27 11.31
CA PRO B 275 -21.11 36.13 9.86
C PRO B 275 -19.82 36.62 9.21
N VAL B 276 -19.27 35.86 8.26
CA VAL B 276 -17.97 36.21 7.70
C VAL B 276 -18.17 36.89 6.36
N ALA B 277 -17.26 37.78 6.03
CA ALA B 277 -17.24 38.41 4.71
C ALA B 277 -16.31 37.62 3.82
N LEU B 278 -16.79 37.27 2.64
CA LEU B 278 -15.98 36.54 1.67
C LEU B 278 -14.58 37.13 1.46
N PRO B 279 -14.35 38.45 1.41
CA PRO B 279 -12.97 38.91 1.16
C PRO B 279 -11.99 38.49 2.23
N THR B 280 -12.42 38.50 3.49
CA THR B 280 -11.54 38.07 4.58
C THR B 280 -11.25 36.58 4.47
N LEU B 281 -12.31 35.77 4.33
CA LEU B 281 -12.15 34.34 4.08
C LEU B 281 -11.13 34.08 2.99
N LEU B 282 -11.27 34.77 1.86
CA LEU B 282 -10.39 34.52 0.72
C LEU B 282 -8.98 34.97 1.02
N ALA B 283 -8.82 36.11 1.73
CA ALA B 283 -7.49 36.63 2.02
C ALA B 283 -6.74 35.72 2.99
N GLY B 284 -7.45 35.16 3.98
CA GLY B 284 -6.83 34.27 4.94
C GLY B 284 -6.44 32.92 4.39
N ASN B 285 -7.02 32.51 3.25
CA ASN B 285 -6.69 31.25 2.59
C ASN B 285 -5.92 31.47 1.29
N ALA B 286 -5.32 32.62 1.12
CA ALA B 286 -4.66 33.03 -0.10
C ALA B 286 -3.24 32.50 -0.16
N PRO B 287 -2.68 32.37 -1.36
CA PRO B 287 -1.28 31.92 -1.51
C PRO B 287 -0.29 32.68 -0.64
N LYS B 288 -0.50 33.99 -0.44
CA LYS B 288 0.36 34.78 0.43
C LYS B 288 0.50 34.15 1.81
N MSE B 289 -0.60 33.65 2.37
CA MSE B 289 -0.60 33.13 3.72
C MSE B 289 0.22 31.84 3.81
O MSE B 289 0.77 31.52 4.85
CB MSE B 289 -2.04 32.87 4.20
CG MSE B 289 -2.88 34.13 4.36
SE MSE B 289 -1.97 35.44 5.47
CE MSE B 289 -1.72 34.36 7.08
N LEU B 290 0.32 31.14 2.68
CA LEU B 290 1.05 29.89 2.63
C LEU B 290 2.54 30.07 2.38
N PHE B 291 2.95 31.15 1.72
CA PHE B 291 4.34 31.32 1.35
C PHE B 291 5.09 32.36 2.17
N ASP B 292 4.38 33.26 2.84
CA ASP B 292 5.02 34.34 3.57
C ASP B 292 5.22 33.97 5.04
N ALA B 293 6.38 34.35 5.58
CA ALA B 293 6.51 34.54 7.01
C ALA B 293 5.70 35.78 7.37
N VAL B 294 4.58 35.57 8.04
CA VAL B 294 3.59 36.62 8.28
C VAL B 294 3.70 37.03 9.75
N PRO B 295 3.90 38.31 10.05
CA PRO B 295 3.89 38.75 11.44
C PRO B 295 2.66 38.27 12.18
N ALA B 296 2.87 37.71 13.35
CA ALA B 296 1.79 37.24 14.21
C ALA B 296 1.78 38.08 15.47
N SER B 297 0.60 38.34 16.00
CA SER B 297 0.48 39.04 17.27
C SER B 297 -0.28 38.16 18.24
N ALA B 298 0.30 37.91 19.40
CA ALA B 298 -0.32 37.06 20.39
C ALA B 298 -1.63 37.69 20.89
N ILE B 299 -2.64 36.85 21.08
CA ILE B 299 -3.92 37.29 21.63
C ILE B 299 -3.89 37.03 23.12
N GLN B 300 -3.77 38.09 23.91
CA GLN B 300 -3.67 37.95 25.36
C GLN B 300 -4.82 38.67 26.04
N PRO B 301 -5.72 37.93 26.70
CA PRO B 301 -5.75 36.47 26.82
C PRO B 301 -6.23 35.83 25.52
N PRO B 302 -5.90 34.56 25.30
CA PRO B 302 -6.38 33.88 24.10
C PRO B 302 -7.90 33.90 23.99
N LEU B 303 -8.40 33.89 22.76
CA LEU B 303 -9.85 33.95 22.57
C LEU B 303 -10.50 32.66 23.06
N ALA B 304 -11.51 32.80 23.90
CA ALA B 304 -12.35 31.65 24.23
C ALA B 304 -12.95 31.08 22.96
N PRO B 305 -13.10 29.75 22.86
CA PRO B 305 -13.84 29.19 21.73
C PRO B 305 -15.17 29.88 21.54
N ASN B 306 -15.39 30.43 20.35
CA ASN B 306 -16.56 31.27 20.06
C ASN B 306 -17.44 30.55 19.05
N PRO B 307 -18.67 30.17 19.40
CA PRO B 307 -19.52 29.49 18.41
C PRO B 307 -19.77 30.32 17.17
N ALA B 308 -19.76 31.65 17.26
CA ALA B 308 -20.03 32.50 16.12
C ALA B 308 -18.75 32.77 15.32
N THR B 309 -18.13 31.67 14.88
CA THR B 309 -16.91 31.73 14.08
C THR B 309 -17.04 30.76 12.90
N TRP B 310 -16.38 31.10 11.80
CA TRP B 310 -16.15 30.19 10.68
C TRP B 310 -14.77 29.59 10.91
N ILE B 311 -14.73 28.28 11.17
CA ILE B 311 -13.50 27.56 11.47
C ILE B 311 -13.18 26.66 10.29
N ASN B 312 -11.91 26.63 9.86
CA ASN B 312 -11.61 25.90 8.63
C ASN B 312 -10.16 25.43 8.59
N LYS B 313 -9.91 24.51 7.68
CA LYS B 313 -8.56 23.98 7.44
C LYS B 313 -8.52 23.43 6.02
N THR B 314 -7.47 23.77 5.29
CA THR B 314 -7.19 23.19 3.99
C THR B 314 -6.11 22.11 4.08
N GLY B 315 -6.13 21.19 3.13
CA GLY B 315 -5.07 20.22 2.97
C GLY B 315 -4.82 19.94 1.50
N SER B 316 -3.56 19.67 1.18
CA SER B 316 -3.19 19.35 -0.20
C SER B 316 -2.02 18.39 -0.14
N THR B 317 -2.08 17.33 -0.95
CA THR B 317 -0.94 16.49 -1.24
C THR B 317 -0.64 16.58 -2.73
N GLY B 318 0.22 15.68 -3.22
CA GLY B 318 0.58 15.70 -4.63
C GLY B 318 -0.62 15.61 -5.55
N GLY B 319 -1.53 14.68 -5.26
CA GLY B 319 -2.69 14.52 -6.10
C GLY B 319 -4.01 14.53 -5.37
N PHE B 320 -4.07 15.15 -4.20
CA PHE B 320 -5.30 15.23 -3.41
C PHE B 320 -5.49 16.63 -2.86
N SER B 321 -6.75 17.00 -2.67
CA SER B 321 -7.14 18.32 -2.17
C SER B 321 -8.28 18.18 -1.19
N THR B 322 -8.18 18.89 -0.06
CA THR B 322 -9.11 18.81 1.05
C THR B 322 -9.44 20.20 1.56
N TYR B 323 -10.71 20.44 1.88
CA TYR B 323 -11.12 21.63 2.62
C TYR B 323 -12.20 21.27 3.62
N VAL B 324 -12.06 21.75 4.84
CA VAL B 324 -13.03 21.55 5.91
C VAL B 324 -13.41 22.92 6.45
N ALA B 325 -14.70 23.13 6.69
CA ALA B 325 -15.16 24.42 7.20
C ALA B 325 -16.49 24.23 7.93
N PHE B 326 -16.63 24.88 9.08
CA PHE B 326 -17.86 24.72 9.86
C PHE B 326 -18.04 25.94 10.74
N VAL B 327 -19.31 26.19 11.09
CA VAL B 327 -19.72 27.33 11.89
C VAL B 327 -20.53 26.79 13.07
N PRO B 328 -19.93 26.65 14.24
CA PRO B 328 -20.63 26.02 15.38
C PRO B 328 -22.00 26.64 15.69
N ALA B 329 -22.11 27.97 15.66
CA ALA B 329 -23.35 28.64 16.02
C ALA B 329 -24.51 28.20 15.13
N LYS B 330 -24.27 28.17 13.81
CA LYS B 330 -25.33 27.79 12.87
C LYS B 330 -25.48 26.28 12.73
N ARG B 331 -24.57 25.51 13.32
CA ARG B 331 -24.64 24.05 13.27
C ARG B 331 -24.63 23.55 11.82
N ILE B 332 -23.71 24.10 11.03
CA ILE B 332 -23.51 23.65 9.66
C ILE B 332 -22.02 23.47 9.41
N GLY B 333 -21.69 22.68 8.40
CA GLY B 333 -20.31 22.38 8.08
C GLY B 333 -20.20 21.58 6.80
N ILE B 334 -18.98 21.56 6.26
CA ILE B 334 -18.75 20.92 4.97
C ILE B 334 -17.36 20.30 4.95
N VAL B 335 -17.26 19.16 4.26
CA VAL B 335 -16.00 18.46 4.03
C VAL B 335 -15.89 18.18 2.53
N MSE B 336 -14.80 18.64 1.91
CA MSE B 336 -14.57 18.42 0.50
C MSE B 336 -13.29 17.62 0.31
O MSE B 336 -12.24 18.06 0.73
CB MSE B 336 -14.45 19.73 -0.26
CG MSE B 336 -15.64 20.66 -0.13
SE MSE B 336 -15.30 22.45 -0.91
CE MSE B 336 -15.08 21.94 -2.77
N LEU B 337 -13.39 16.46 -0.34
CA LEU B 337 -12.24 15.61 -0.62
C LEU B 337 -12.12 15.39 -2.12
N ALA B 338 -10.90 15.42 -2.65
CA ALA B 338 -10.73 15.30 -4.09
C ALA B 338 -9.42 14.61 -4.41
N ASN B 339 -9.43 13.80 -5.47
CA ASN B 339 -8.21 13.17 -5.97
C ASN B 339 -7.65 13.93 -7.17
N GLY B 340 -7.60 15.26 -7.04
CA GLY B 340 -6.98 16.11 -8.02
C GLY B 340 -6.55 17.40 -7.33
N ASN B 341 -5.88 18.26 -8.10
CA ASN B 341 -5.41 19.54 -7.59
C ASN B 341 -6.46 20.60 -7.85
N VAL B 342 -7.25 20.91 -6.83
CA VAL B 342 -8.23 22.00 -6.89
C VAL B 342 -7.63 23.20 -6.15
N PRO B 343 -7.48 24.35 -6.80
CA PRO B 343 -6.95 25.53 -6.11
C PRO B 343 -7.75 25.86 -4.86
N ILE B 344 -7.04 26.34 -3.84
CA ILE B 344 -7.63 26.54 -2.52
C ILE B 344 -8.79 27.52 -2.58
N GLU B 345 -8.67 28.59 -3.36
CA GLU B 345 -9.75 29.57 -3.35
C GLU B 345 -11.00 29.03 -4.04
N GLU B 346 -10.84 28.15 -5.03
CA GLU B 346 -12.00 27.44 -5.57
C GLU B 346 -12.69 26.62 -4.49
N ARG B 347 -11.91 25.98 -3.62
CA ARG B 347 -12.49 25.23 -2.49
C ARG B 347 -13.28 26.16 -1.58
N VAL B 348 -12.68 27.30 -1.22
CA VAL B 348 -13.29 28.18 -0.23
C VAL B 348 -14.58 28.78 -0.79
N LYS B 349 -14.56 29.16 -2.07
CA LYS B 349 -15.75 29.76 -2.68
C LYS B 349 -16.88 28.73 -2.77
N ALA B 350 -16.57 27.53 -3.27
CA ALA B 350 -17.58 26.48 -3.35
C ALA B 350 -18.18 26.19 -1.98
N ALA B 351 -17.34 26.15 -0.93
CA ALA B 351 -17.84 25.91 0.42
C ALA B 351 -18.72 27.07 0.90
N TYR B 352 -18.29 28.30 0.63
CA TYR B 352 -19.08 29.46 1.05
C TYR B 352 -20.46 29.44 0.41
N ARG B 353 -20.53 29.16 -0.89
CA ARG B 353 -21.81 29.14 -1.57
C ARG B 353 -22.71 28.04 -1.01
N ILE B 354 -22.15 26.88 -0.69
CA ILE B 354 -22.97 25.76 -0.23
C ILE B 354 -23.48 26.01 1.19
N LEU B 355 -22.60 26.45 2.09
CA LEU B 355 -23.01 26.70 3.46
C LEU B 355 -23.99 27.87 3.55
N GLY B 356 -23.86 28.86 2.67
CA GLY B 356 -24.79 29.98 2.67
C GLY B 356 -26.20 29.59 2.29
N SER B 357 -26.37 28.49 1.56
CA SER B 357 -27.69 28.03 1.13
C SER B 357 -28.51 27.40 2.25
N LEU B 358 -27.86 26.89 3.30
CA LEU B 358 -28.58 26.19 4.36
C LEU B 358 -29.21 27.18 5.33
S SCN C . 11.94 -33.50 -17.76
C SCN C . 12.89 -34.97 -17.31
N SCN C . 13.54 -35.87 -16.94
S SCN D . 7.91 -24.26 5.68
C SCN D . 9.27 -24.50 6.83
N SCN D . 10.13 -24.70 7.59
S SCN E . 3.50 -20.17 11.46
C SCN E . 4.11 -21.49 12.52
N SCN E . 4.56 -22.41 13.11
C ACY F . 16.33 -21.41 -31.95
O ACY F . 16.62 -22.63 -31.85
OXT ACY F . 17.17 -20.47 -32.09
CH3 ACY F . 14.88 -21.04 -31.87
S SCN G . -11.53 35.36 15.08
C SCN G . -12.88 35.53 16.25
N SCN G . -13.76 35.61 17.04
S SCN H . -7.84 11.24 22.04
C SCN H . -9.33 10.70 22.89
N SCN H . -10.28 10.34 23.51
S SCN I . -3.50 3.86 22.97
C SCN I . -4.03 4.38 24.60
N SCN I . -4.50 4.84 25.60
C ACY J . -15.84 39.07 -2.89
O ACY J . -15.39 38.31 -3.78
OXT ACY J . -17.02 39.46 -2.84
CH3 ACY J . -14.89 39.57 -1.84
#